data_5JT2
#
_entry.id   5JT2
#
_cell.length_a   65.102
_cell.length_b   68.442
_cell.length_c   275.603
_cell.angle_alpha   90.000
_cell.angle_beta   90.000
_cell.angle_gamma   90.000
#
_symmetry.space_group_name_H-M   'P 21 21 21'
#
loop_
_entity.id
_entity.type
_entity.pdbx_description
1 polymer 'Serine/threonine-protein kinase B-raf'
2 non-polymer BENZAMIDINE
3 non-polymer "2,2'-oxybis(N-{[4-(3-{2,6-difluoro-3-[(propane-1-sulfonyl)amino]benzoyl}-1H-pyrrolo[2,3-b]pyridin-5-yl)phenyl]methyl}acetamide)"
4 water water
#
_entity_poly.entity_id   1
_entity_poly.type   'polypeptide(L)'
_entity_poly.pdbx_seq_one_letter_code
;GSEFDDWEIPDGQITVGQRIGSGSFGTVYKGKWHGDVAVKMLNVTAPTPQQLQAFKNEVGVLRKTRHVNILLFMGYSTKP
QLAIVTQWCEGSSLYHHLHASETKFEMKKLIDIARQTARGMDYLHAKSIIHRDLKSNNIFLHEDNTVKIGDFGLATEKSR
WSGSHQFEQLSGSILWMAPEVIRMQDSNPYSFQSDVYAFGIVLYELMTGQLPYSNINNRDQIIEMVGRGSLSPDLSKVRS
NCPKRMKRLMAECLKKKRDERPSFPRILAEIEELARELSG
;
_entity_poly.pdbx_strand_id   A,B,C,D
#
loop_
_chem_comp.id
_chem_comp.type
_chem_comp.name
_chem_comp.formula
6NC non-polymer 2,2'-oxybis(N-{[4-(3-{2,6-difluoro-3-[(propane-1-sulfonyl)amino]benzoyl}-1H-pyrrolo[2,3-b]pyridin-5-yl)phenyl]methyl}acetamide) 'C52 H46 F4 N8 O9 S2'
BEN non-polymer BENZAMIDINE 'C7 H8 N2'
#
# COMPACT_ATOMS: atom_id res chain seq x y z
N GLY A 1 29.71 0.33 12.71
CA GLY A 1 29.93 1.14 11.54
C GLY A 1 29.23 2.50 11.54
N SER A 2 27.90 2.47 11.46
CA SER A 2 27.11 3.69 11.38
C SER A 2 27.21 4.57 12.62
N GLU A 3 27.04 5.88 12.39
CA GLU A 3 27.01 6.89 13.43
C GLU A 3 25.69 7.66 13.42
N PHE A 4 25.56 8.58 14.37
CA PHE A 4 24.31 9.29 14.59
C PHE A 4 23.68 9.99 13.35
N ASP A 5 24.51 10.60 12.54
CA ASP A 5 24.08 11.36 11.38
C ASP A 5 23.43 10.45 10.33
N ASP A 6 24.00 9.26 10.21
CA ASP A 6 23.53 8.21 9.32
C ASP A 6 22.04 7.89 9.50
N TRP A 7 21.56 8.06 10.72
CA TRP A 7 20.25 7.55 11.13
C TRP A 7 19.19 8.63 10.94
N GLU A 8 19.61 9.75 10.35
CA GLU A 8 18.64 10.75 9.95
C GLU A 8 17.96 10.29 8.66
N ILE A 9 16.64 10.40 8.61
CA ILE A 9 15.92 10.15 7.38
C ILE A 9 15.86 11.53 6.71
N PRO A 10 16.41 11.62 5.49
CA PRO A 10 16.52 12.92 4.81
C PRO A 10 15.20 13.67 4.69
N ASP A 11 15.23 14.98 4.85
CA ASP A 11 14.01 15.77 4.89
C ASP A 11 13.19 15.60 3.59
N GLY A 12 11.87 15.50 3.76
CA GLY A 12 10.95 15.34 2.65
C GLY A 12 10.77 13.92 2.14
N GLN A 13 11.35 12.93 2.81
CA GLN A 13 11.15 11.55 2.40
C GLN A 13 10.03 10.94 3.20
N ILE A 14 9.58 11.68 4.20
CA ILE A 14 8.50 11.21 5.05
C ILE A 14 7.37 12.18 4.92
N THR A 15 6.20 11.68 4.52
CA THR A 15 5.02 12.50 4.55
C THR A 15 4.32 12.23 5.86
N VAL A 16 4.19 13.27 6.67
CA VAL A 16 3.50 13.12 7.93
C VAL A 16 2.02 13.28 7.68
N GLY A 17 1.26 12.28 8.08
CA GLY A 17 -0.16 12.28 7.86
C GLY A 17 -0.92 12.54 9.13
N GLN A 18 -1.88 11.67 9.37
CA GLN A 18 -2.79 11.79 10.47
C GLN A 18 -2.18 11.68 11.87
N ARG A 19 -2.61 12.60 12.74
CA ARG A 19 -2.32 12.55 14.16
C ARG A 19 -3.04 11.40 14.83
N ILE A 20 -2.33 10.64 15.66
CA ILE A 20 -2.88 9.43 16.26
C ILE A 20 -3.16 9.59 17.74
N GLY A 21 -2.27 10.27 18.43
CA GLY A 21 -2.41 10.45 19.86
C GLY A 21 -1.10 10.89 20.48
N SER A 22 -1.07 10.94 21.80
CA SER A 22 0.14 11.30 22.52
C SER A 22 0.78 10.10 23.25
N GLY A 23 2.05 9.84 22.97
CA GLY A 23 2.85 8.95 23.81
C GLY A 23 3.97 9.68 24.55
N SER A 24 4.82 8.92 25.24
CA SER A 24 5.91 9.51 26.05
C SER A 24 6.77 10.51 25.29
N PHE A 25 6.97 11.68 25.90
CA PHE A 25 7.83 12.74 25.39
C PHE A 25 7.38 13.41 24.09
N GLY A 26 6.25 12.96 23.51
CA GLY A 26 5.73 13.59 22.31
C GLY A 26 4.42 13.14 21.68
N THR A 27 4.25 13.46 20.40
CA THR A 27 3.00 13.24 19.67
C THR A 27 3.10 12.30 18.44
N VAL A 28 2.23 11.31 18.40
CA VAL A 28 2.32 10.27 17.38
C VAL A 28 1.45 10.53 16.17
N TYR A 29 2.07 10.45 15.01
CA TYR A 29 1.40 10.63 13.73
C TYR A 29 1.58 9.40 12.86
N LYS A 30 0.63 9.16 11.99
CA LYS A 30 0.86 8.18 10.94
C LYS A 30 1.70 8.87 9.87
N GLY A 31 2.50 8.11 9.14
CA GLY A 31 3.38 8.69 8.14
C GLY A 31 3.73 7.68 7.06
N LYS A 32 4.27 8.19 5.96
CA LYS A 32 4.63 7.36 4.83
C LYS A 32 6.08 7.64 4.44
N TRP A 33 6.88 6.57 4.42
CA TRP A 33 8.25 6.65 3.98
C TRP A 33 8.23 5.86 2.69
N HIS A 34 9.00 4.79 2.62
CA HIS A 34 8.92 3.89 1.48
C HIS A 34 7.84 2.90 1.84
N GLY A 35 6.99 3.28 2.78
CA GLY A 35 6.03 2.36 3.36
C GLY A 35 5.40 3.07 4.54
N ASP A 36 4.54 2.35 5.26
CA ASP A 36 3.91 2.92 6.44
C ASP A 36 4.88 3.06 7.60
N VAL A 37 4.82 4.18 8.30
CA VAL A 37 5.62 4.33 9.49
C VAL A 37 4.83 5.11 10.56
N ALA A 38 5.32 5.07 11.78
CA ALA A 38 4.76 5.90 12.83
C ALA A 38 5.80 6.95 13.20
N VAL A 39 5.35 8.15 13.48
CA VAL A 39 6.24 9.25 13.71
C VAL A 39 5.88 9.91 15.03
N LYS A 40 6.82 9.91 15.96
CA LYS A 40 6.57 10.66 17.18
C LYS A 40 7.31 11.99 17.14
N MET A 41 6.56 13.06 16.96
CA MET A 41 7.11 14.40 17.14
C MET A 41 7.41 14.60 18.60
N LEU A 42 8.66 14.86 18.92
CA LEU A 42 9.03 15.09 20.31
C LEU A 42 8.64 16.51 20.64
N ASN A 43 8.37 16.76 21.92
CA ASN A 43 7.94 18.08 22.34
C ASN A 43 9.12 18.98 22.73
N VAL A 44 10.01 19.22 21.78
CA VAL A 44 11.23 20.02 21.97
C VAL A 44 11.66 20.57 20.63
N THR A 45 11.36 21.84 20.37
CA THR A 45 11.62 22.42 19.04
C THR A 45 13.01 23.07 18.91
N ALA A 46 13.50 23.64 20.01
CA ALA A 46 14.85 24.21 20.03
C ALA A 46 15.75 23.42 20.99
N PRO A 47 16.54 22.48 20.44
CA PRO A 47 17.48 21.71 21.28
C PRO A 47 18.77 22.48 21.63
N THR A 48 19.17 22.43 22.90
CA THR A 48 20.48 22.97 23.28
C THR A 48 21.53 21.87 23.15
N PRO A 49 22.80 22.24 22.93
CA PRO A 49 23.88 21.26 22.78
C PRO A 49 23.86 20.12 23.79
N GLN A 50 23.34 20.34 25.00
CA GLN A 50 23.17 19.21 25.95
C GLN A 50 21.91 18.36 25.61
N GLN A 51 20.78 19.00 25.31
CA GLN A 51 19.58 18.23 24.95
C GLN A 51 19.76 17.44 23.66
N LEU A 52 20.46 18.01 22.70
CA LEU A 52 20.64 17.34 21.43
C LEU A 52 21.55 16.14 21.67
N GLN A 53 22.57 16.31 22.50
CA GLN A 53 23.47 15.20 22.80
C GLN A 53 22.71 14.14 23.61
N ALA A 54 21.80 14.60 24.44
CA ALA A 54 20.98 13.66 25.17
C ALA A 54 20.13 12.85 24.18
N PHE A 55 19.67 13.52 23.12
CA PHE A 55 18.87 12.87 22.10
C PHE A 55 19.74 11.87 21.32
N LYS A 56 20.98 12.26 21.05
CA LYS A 56 21.93 11.37 20.41
C LYS A 56 22.17 10.13 21.24
N ASN A 57 22.34 10.30 22.55
CA ASN A 57 22.58 9.17 23.45
C ASN A 57 21.41 8.17 23.45
N GLU A 58 20.20 8.70 23.50
CA GLU A 58 19.01 7.86 23.48
C GLU A 58 18.84 7.14 22.14
N VAL A 59 19.07 7.85 21.05
CA VAL A 59 19.11 7.23 19.74
C VAL A 59 20.20 6.16 19.68
N GLY A 60 21.32 6.43 20.34
CA GLY A 60 22.40 5.48 20.42
C GLY A 60 21.88 4.20 21.04
N VAL A 61 21.11 4.33 22.12
CA VAL A 61 20.48 3.17 22.76
C VAL A 61 19.42 2.48 21.90
N LEU A 62 18.55 3.25 21.26
CA LEU A 62 17.48 2.66 20.46
C LEU A 62 17.98 1.78 19.33
N ARG A 63 19.14 2.14 18.79
CA ARG A 63 19.73 1.41 17.68
C ARG A 63 20.27 0.03 18.07
N LYS A 64 20.52 -0.19 19.37
CA LYS A 64 21.14 -1.44 19.84
C LYS A 64 20.10 -2.39 20.42
N THR A 65 18.92 -1.87 20.75
CA THR A 65 17.90 -2.71 21.34
C THR A 65 16.89 -3.22 20.33
N ARG A 66 17.01 -4.51 19.99
CA ARG A 66 16.15 -5.15 18.97
C ARG A 66 15.61 -6.49 19.43
N HIS A 67 14.32 -6.65 19.29
CA HIS A 67 13.65 -7.91 19.59
C HIS A 67 12.44 -7.94 18.70
N VAL A 68 11.99 -9.12 18.31
CA VAL A 68 10.83 -9.23 17.43
C VAL A 68 9.57 -8.61 18.08
N ASN A 69 9.56 -8.51 19.40
CA ASN A 69 8.35 -8.05 20.07
C ASN A 69 8.46 -6.66 20.65
N ILE A 70 9.43 -5.88 20.16
CA ILE A 70 9.47 -4.43 20.45
C ILE A 70 9.67 -3.65 19.15
N LEU A 71 9.18 -2.42 19.11
CA LEU A 71 9.23 -1.61 17.90
C LEU A 71 10.63 -1.39 17.34
N LEU A 72 10.77 -1.53 16.03
CA LEU A 72 12.03 -1.20 15.38
C LEU A 72 12.19 0.31 15.20
N PHE A 73 13.34 0.83 15.61
CA PHE A 73 13.69 2.23 15.40
C PHE A 73 14.22 2.36 13.98
N MET A 74 13.68 3.28 13.20
CA MET A 74 14.01 3.33 11.79
C MET A 74 14.85 4.56 11.43
N GLY A 75 14.79 5.58 12.28
CA GLY A 75 15.51 6.80 12.02
C GLY A 75 14.81 7.91 12.78
N TYR A 76 15.32 9.13 12.63
CA TYR A 76 14.77 10.32 13.28
C TYR A 76 14.64 11.44 12.25
N SER A 77 13.80 12.43 12.57
CA SER A 77 13.60 13.58 11.69
C SER A 77 14.14 14.84 12.32
N THR A 78 14.36 15.87 11.50
CA THR A 78 14.91 17.13 12.00
C THR A 78 14.04 18.36 11.86
N LYS A 79 13.20 18.36 10.83
CA LYS A 79 12.31 19.47 10.56
C LYS A 79 10.87 18.99 10.49
N PRO A 80 9.94 19.78 11.05
CA PRO A 80 10.28 21.07 11.68
C PRO A 80 10.87 20.86 13.05
N GLN A 81 10.83 19.63 13.53
CA GLN A 81 11.18 19.34 14.91
C GLN A 81 11.64 17.89 15.02
N LEU A 82 12.35 17.59 16.11
CA LEU A 82 12.85 16.25 16.37
C LEU A 82 11.72 15.21 16.43
N ALA A 83 11.91 14.09 15.74
CA ALA A 83 10.90 13.04 15.69
C ALA A 83 11.54 11.67 15.62
N ILE A 84 10.93 10.70 16.28
CA ILE A 84 11.38 9.32 16.21
C ILE A 84 10.50 8.48 15.29
N VAL A 85 11.12 7.80 14.33
CA VAL A 85 10.35 7.01 13.38
C VAL A 85 10.54 5.51 13.62
N THR A 86 9.41 4.83 13.74
CA THR A 86 9.37 3.38 13.90
C THR A 86 8.42 2.80 12.89
N GLN A 87 8.26 1.48 12.89
CA GLN A 87 7.35 0.84 11.93
C GLN A 87 5.88 1.11 12.30
N TRP A 88 5.00 0.88 11.33
CA TRP A 88 3.56 1.00 11.52
C TRP A 88 2.92 -0.32 11.93
N CYS A 89 2.05 -0.26 12.93
CA CYS A 89 1.32 -1.43 13.35
C CYS A 89 -0.16 -1.31 13.00
N GLU A 90 -0.58 -1.96 11.91
CA GLU A 90 -1.96 -1.81 11.43
C GLU A 90 -2.97 -2.30 12.44
N GLY A 91 -2.56 -3.18 13.34
CA GLY A 91 -3.46 -3.68 14.36
C GLY A 91 -3.69 -2.72 15.50
N SER A 92 -3.09 -1.54 15.42
CA SER A 92 -3.15 -0.53 16.50
C SER A 92 -2.79 -1.12 17.88
N SER A 93 -3.36 -0.62 18.97
CA SER A 93 -2.97 -1.06 20.30
C SER A 93 -3.84 -2.18 20.85
N LEU A 94 -3.38 -2.84 21.91
CA LEU A 94 -4.17 -3.84 22.55
C LEU A 94 -5.39 -3.20 23.17
N TYR A 95 -5.19 -2.03 23.76
CA TYR A 95 -6.27 -1.27 24.39
C TYR A 95 -7.43 -1.03 23.42
N HIS A 96 -7.10 -0.55 22.23
CA HIS A 96 -8.09 -0.24 21.23
C HIS A 96 -8.89 -1.51 20.91
N HIS A 97 -8.22 -2.66 20.85
CA HIS A 97 -8.96 -3.89 20.56
C HIS A 97 -9.88 -4.34 21.71
N LEU A 98 -9.41 -4.22 22.94
CA LEU A 98 -10.14 -4.70 24.11
C LEU A 98 -11.24 -3.73 24.59
N HIS A 99 -10.96 -2.43 24.57
CA HIS A 99 -11.82 -1.44 25.22
C HIS A 99 -12.45 -0.41 24.28
N ALA A 100 -12.10 -0.43 23.00
CA ALA A 100 -12.69 0.53 22.08
C ALA A 100 -13.58 -0.17 21.09
N SER A 101 -12.96 -0.95 20.22
CA SER A 101 -13.69 -1.64 19.20
C SER A 101 -14.23 -2.94 19.79
N GLU A 102 -13.88 -3.17 21.06
CA GLU A 102 -14.37 -4.32 21.81
C GLU A 102 -14.32 -5.60 20.97
N THR A 103 -13.17 -5.82 20.34
CA THR A 103 -12.87 -7.08 19.63
C THR A 103 -12.89 -8.30 20.59
N LYS A 104 -13.35 -9.46 20.10
CA LYS A 104 -13.41 -10.65 20.95
C LYS A 104 -12.33 -11.70 20.63
N PHE A 105 -11.33 -11.82 21.48
CA PHE A 105 -10.27 -12.79 21.26
C PHE A 105 -10.59 -14.16 21.86
N GLU A 106 -10.18 -15.22 21.18
CA GLU A 106 -10.21 -16.57 21.73
C GLU A 106 -9.14 -16.70 22.81
N MET A 107 -9.28 -17.67 23.71
CA MET A 107 -8.32 -17.80 24.81
C MET A 107 -6.89 -18.08 24.34
N LYS A 108 -6.75 -18.80 23.22
CA LYS A 108 -5.43 -19.13 22.69
C LYS A 108 -4.73 -17.89 22.15
N LYS A 109 -5.48 -16.97 21.57
CA LYS A 109 -4.91 -15.76 21.01
C LYS A 109 -4.56 -14.79 22.14
N LEU A 110 -5.41 -14.75 23.16
CA LEU A 110 -5.19 -13.89 24.31
C LEU A 110 -3.87 -14.26 24.99
N ILE A 111 -3.58 -15.55 25.06
CA ILE A 111 -2.37 -16.00 25.75
C ILE A 111 -1.13 -15.87 24.87
N ASP A 112 -1.27 -15.99 23.56
CA ASP A 112 -0.13 -15.75 22.70
C ASP A 112 0.24 -14.25 22.76
N ILE A 113 -0.76 -13.39 22.88
CA ILE A 113 -0.48 -11.97 23.07
C ILE A 113 0.26 -11.77 24.38
N ALA A 114 -0.12 -12.48 25.42
CA ALA A 114 0.58 -12.37 26.70
C ALA A 114 2.00 -12.91 26.59
N ARG A 115 2.15 -14.02 25.90
CA ARG A 115 3.46 -14.61 25.75
C ARG A 115 4.37 -13.64 25.00
N GLN A 116 3.89 -13.13 23.87
CA GLN A 116 4.69 -12.19 23.08
C GLN A 116 5.02 -10.90 23.84
N THR A 117 4.10 -10.41 24.66
CA THR A 117 4.38 -9.22 25.48
C THR A 117 5.46 -9.54 26.51
N ALA A 118 5.40 -10.77 27.06
CA ALA A 118 6.37 -11.23 28.05
C ALA A 118 7.74 -11.45 27.42
N ARG A 119 7.77 -11.93 26.18
CA ARG A 119 9.03 -12.10 25.45
C ARG A 119 9.71 -10.75 25.28
N GLY A 120 8.90 -9.72 25.01
CA GLY A 120 9.38 -8.36 24.84
C GLY A 120 9.90 -7.68 26.11
N MET A 121 9.19 -7.87 27.22
CA MET A 121 9.59 -7.34 28.51
C MET A 121 10.83 -8.01 29.05
N ASP A 122 10.94 -9.29 28.75
CA ASP A 122 12.06 -10.09 29.19
C ASP A 122 13.35 -9.52 28.55
N TYR A 123 13.30 -9.21 27.26
CA TYR A 123 14.44 -8.64 26.54
C TYR A 123 14.84 -7.27 27.12
N LEU A 124 13.84 -6.40 27.28
CA LEU A 124 14.06 -5.07 27.81
C LEU A 124 14.73 -5.15 29.19
N HIS A 125 14.27 -6.07 30.01
CA HIS A 125 14.82 -6.19 31.35
C HIS A 125 16.23 -6.84 31.27
N ALA A 126 16.39 -7.79 30.35
CA ALA A 126 17.69 -8.41 30.19
C ALA A 126 18.71 -7.37 29.70
N LYS A 127 18.20 -6.30 29.11
CA LYS A 127 19.02 -5.16 28.70
C LYS A 127 18.91 -4.07 29.74
N SER A 128 18.38 -4.43 30.92
CA SER A 128 18.33 -3.52 32.06
C SER A 128 17.50 -2.25 31.86
N ILE A 129 16.65 -2.25 30.83
CA ILE A 129 15.73 -1.14 30.63
C ILE A 129 14.43 -1.29 31.41
N ILE A 130 14.05 -0.26 32.15
CA ILE A 130 12.76 -0.30 32.83
C ILE A 130 11.76 0.48 31.97
N HIS A 131 10.61 -0.11 31.66
CA HIS A 131 9.66 0.54 30.80
C HIS A 131 9.04 1.77 31.47
N ARG A 132 8.44 1.55 32.66
CA ARG A 132 7.87 2.63 33.47
C ARG A 132 6.50 3.05 32.97
N ASP A 133 6.07 2.52 31.83
CA ASP A 133 4.85 3.01 31.22
C ASP A 133 4.08 1.92 30.48
N LEU A 134 4.25 0.68 30.93
CA LEU A 134 3.61 -0.45 30.29
C LEU A 134 2.11 -0.41 30.54
N LYS A 135 1.34 -0.45 29.45
CA LYS A 135 -0.10 -0.55 29.49
C LYS A 135 -0.59 -0.98 28.13
N SER A 136 -1.86 -1.42 28.05
CA SER A 136 -2.38 -1.94 26.79
C SER A 136 -2.37 -0.87 25.68
N ASN A 137 -2.29 0.41 26.05
CA ASN A 137 -2.19 1.49 25.07
C ASN A 137 -0.92 1.48 24.24
N ASN A 138 0.18 0.99 24.79
CA ASN A 138 1.40 1.00 23.99
C ASN A 138 1.95 -0.41 23.80
N ILE A 139 1.03 -1.37 23.78
CA ILE A 139 1.32 -2.69 23.25
C ILE A 139 0.64 -2.78 21.90
N PHE A 140 1.43 -2.75 20.82
CA PHE A 140 0.84 -2.63 19.50
C PHE A 140 0.80 -3.95 18.72
N LEU A 141 -0.16 -4.06 17.82
CA LEU A 141 -0.37 -5.29 17.06
C LEU A 141 0.03 -5.04 15.62
N HIS A 142 1.03 -5.77 15.16
CA HIS A 142 1.51 -5.57 13.82
C HIS A 142 0.64 -6.42 12.89
N GLU A 143 0.52 -5.94 11.66
CA GLU A 143 -0.20 -6.67 10.63
C GLU A 143 0.09 -8.15 10.59
N ASP A 144 1.36 -8.54 10.79
CA ASP A 144 1.72 -9.95 10.69
C ASP A 144 1.36 -10.70 11.95
N ASN A 145 0.62 -10.05 12.83
CA ASN A 145 0.15 -10.69 14.06
C ASN A 145 1.26 -10.86 15.12
N THR A 146 2.39 -10.19 14.96
CA THR A 146 3.32 -10.17 16.06
C THR A 146 3.01 -8.95 16.93
N VAL A 147 3.26 -9.08 18.23
CA VAL A 147 3.13 -7.99 19.18
C VAL A 147 4.39 -7.14 19.13
N LYS A 148 4.23 -5.82 19.23
CA LYS A 148 5.35 -4.89 19.31
C LYS A 148 5.11 -3.95 20.45
N ILE A 149 6.01 -3.94 21.43
CA ILE A 149 5.94 -2.97 22.52
C ILE A 149 6.54 -1.64 22.10
N GLY A 150 5.95 -0.55 22.60
CA GLY A 150 6.48 0.77 22.39
C GLY A 150 6.56 1.55 23.70
N ASP A 151 7.04 2.79 23.60
CA ASP A 151 7.29 3.70 24.73
C ASP A 151 8.32 3.17 25.75
N PHE A 152 9.25 2.32 25.31
CA PHE A 152 10.38 1.91 26.15
C PHE A 152 11.61 2.82 25.97
N GLY A 153 11.63 3.62 24.91
CA GLY A 153 12.76 4.48 24.62
C GLY A 153 12.89 5.74 25.46
N LEU A 154 14.08 6.35 25.45
CA LEU A 154 14.31 7.58 26.21
C LEU A 154 14.25 7.25 27.71
N ALA A 155 14.60 6.01 28.03
CA ALA A 155 14.52 5.49 29.38
C ALA A 155 15.27 6.38 30.35
N THR A 156 16.54 6.69 30.02
CA THR A 156 17.37 7.53 30.87
C THR A 156 16.79 8.91 31.05
N GLU A 157 16.28 9.51 29.99
CA GLU A 157 15.70 10.83 30.11
C GLU A 157 14.48 10.84 31.06
N LYS A 158 13.62 9.82 30.99
CA LYS A 158 12.50 9.67 31.92
C LYS A 158 12.96 9.69 33.38
N SER A 159 14.18 9.22 33.57
CA SER A 159 14.84 9.13 34.85
C SER A 159 15.08 10.51 35.48
N ARG A 160 15.51 11.49 34.67
CA ARG A 160 15.74 12.86 35.14
C ARG A 160 14.66 13.32 36.10
N TRP A 161 15.08 13.93 37.21
CA TRP A 161 14.17 14.62 38.12
C TRP A 161 14.58 16.08 38.30
N SER A 173 -4.13 6.18 32.88
CA SER A 173 -2.70 5.86 33.00
C SER A 173 -2.37 5.40 34.43
N ILE A 174 -3.33 5.58 35.32
CA ILE A 174 -3.15 5.28 36.73
C ILE A 174 -3.42 3.78 37.00
N LEU A 175 -4.22 3.16 36.12
CA LEU A 175 -4.70 1.78 36.28
C LEU A 175 -3.61 0.72 36.25
N TRP A 176 -2.40 1.12 35.86
CA TRP A 176 -1.30 0.16 35.73
C TRP A 176 -0.21 0.42 36.76
N MET A 177 -0.37 1.45 37.59
CA MET A 177 0.67 1.79 38.58
C MET A 177 0.67 0.90 39.83
N ALA A 178 1.81 0.25 40.11
CA ALA A 178 1.96 -0.50 41.36
C ALA A 178 1.76 0.39 42.59
N PRO A 179 1.20 -0.19 43.68
CA PRO A 179 0.91 0.53 44.93
C PRO A 179 2.09 1.35 45.43
N GLU A 180 3.31 0.79 45.41
CA GLU A 180 4.46 1.57 45.87
C GLU A 180 4.79 2.68 44.88
N VAL A 181 4.27 2.59 43.65
CA VAL A 181 4.55 3.61 42.65
C VAL A 181 3.63 4.79 42.90
N ILE A 182 2.42 4.50 43.32
CA ILE A 182 1.53 5.53 43.82
C ILE A 182 2.12 6.01 45.17
N PRO A 189 10.76 5.52 42.46
CA PRO A 189 10.26 4.23 42.92
C PRO A 189 10.02 3.23 41.78
N TYR A 190 10.36 3.60 40.55
CA TYR A 190 10.17 2.69 39.42
C TYR A 190 11.25 1.64 39.41
N SER A 191 10.84 0.40 39.17
CA SER A 191 11.77 -0.71 39.13
C SER A 191 11.27 -1.82 38.22
N PHE A 192 12.13 -2.81 37.99
CA PHE A 192 11.65 -4.00 37.30
C PHE A 192 10.33 -4.51 37.93
N GLN A 193 10.28 -4.51 39.26
CA GLN A 193 9.15 -5.09 39.97
C GLN A 193 7.86 -4.31 39.69
N SER A 194 7.94 -2.99 39.49
CA SER A 194 6.73 -2.27 39.14
C SER A 194 6.32 -2.51 37.64
N ASP A 195 7.29 -2.72 36.74
CA ASP A 195 6.99 -3.14 35.37
C ASP A 195 6.26 -4.46 35.41
N VAL A 196 6.71 -5.34 36.29
CA VAL A 196 6.05 -6.63 36.43
C VAL A 196 4.63 -6.42 36.91
N TYR A 197 4.43 -5.44 37.79
CA TYR A 197 3.08 -5.13 38.24
C TYR A 197 2.18 -4.75 37.05
N ALA A 198 2.65 -3.83 36.23
CA ALA A 198 1.88 -3.32 35.11
C ALA A 198 1.49 -4.45 34.18
N PHE A 199 2.42 -5.38 33.99
CA PHE A 199 2.17 -6.52 33.14
C PHE A 199 1.03 -7.35 33.73
N GLY A 200 0.95 -7.38 35.06
CA GLY A 200 -0.12 -8.05 35.77
C GLY A 200 -1.47 -7.47 35.41
N ILE A 201 -1.56 -6.15 35.33
CA ILE A 201 -2.81 -5.53 34.93
C ILE A 201 -3.08 -5.81 33.47
N VAL A 202 -2.03 -5.97 32.65
CA VAL A 202 -2.27 -6.32 31.26
C VAL A 202 -2.88 -7.75 31.20
N LEU A 203 -2.44 -8.63 32.09
CA LEU A 203 -3.05 -9.96 32.20
C LEU A 203 -4.50 -9.85 32.59
N TYR A 204 -4.77 -8.93 33.52
CA TYR A 204 -6.12 -8.71 33.97
C TYR A 204 -6.98 -8.28 32.80
N GLU A 205 -6.49 -7.34 32.01
CA GLU A 205 -7.20 -6.90 30.81
C GLU A 205 -7.45 -8.04 29.84
N LEU A 206 -6.47 -8.92 29.68
CA LEU A 206 -6.60 -10.02 28.73
C LEU A 206 -7.64 -11.04 29.16
N MET A 207 -7.55 -11.44 30.42
CA MET A 207 -8.33 -12.55 30.96
C MET A 207 -9.74 -12.15 31.45
N THR A 208 -9.97 -10.86 31.65
CA THR A 208 -11.27 -10.43 32.09
C THR A 208 -11.99 -9.61 31.04
N GLY A 209 -11.25 -9.22 30.00
CA GLY A 209 -11.80 -8.40 28.95
C GLY A 209 -12.17 -7.03 29.48
N GLN A 210 -11.76 -6.73 30.72
CA GLN A 210 -12.10 -5.45 31.34
C GLN A 210 -10.93 -4.69 31.93
N LEU A 211 -11.04 -3.38 32.02
CA LEU A 211 -10.10 -2.61 32.82
C LEU A 211 -10.39 -2.80 34.32
N PRO A 212 -9.34 -2.78 35.15
CA PRO A 212 -9.57 -2.97 36.59
C PRO A 212 -10.32 -1.80 37.19
N TYR A 213 -11.04 -2.05 38.27
CA TYR A 213 -11.72 -0.98 39.00
C TYR A 213 -12.78 -0.31 38.13
N SER A 214 -13.37 -1.06 37.19
CA SER A 214 -14.33 -0.52 36.22
C SER A 214 -15.62 0.05 36.84
N ASN A 215 -15.97 -0.40 38.03
CA ASN A 215 -17.16 0.07 38.72
C ASN A 215 -16.96 1.28 39.66
N ILE A 216 -15.77 1.92 39.65
CA ILE A 216 -15.57 3.12 40.48
C ILE A 216 -15.17 4.39 39.69
N ASN A 217 -15.93 5.48 39.86
CA ASN A 217 -15.66 6.72 39.12
C ASN A 217 -14.84 7.71 39.95
N ASP A 220 -9.98 9.11 41.57
CA ASP A 220 -9.56 9.89 42.75
C ASP A 220 -9.47 9.02 44.00
N GLN A 221 -10.41 8.11 44.13
CA GLN A 221 -10.43 7.11 45.18
C GLN A 221 -9.39 6.01 44.94
N ILE A 222 -9.10 5.76 43.65
CA ILE A 222 -8.18 4.71 43.27
C ILE A 222 -6.76 4.98 43.75
N ILE A 223 -6.29 6.22 43.55
CA ILE A 223 -4.95 6.57 44.00
C ILE A 223 -4.83 6.23 45.48
N GLU A 224 -5.82 6.66 46.26
CA GLU A 224 -5.80 6.46 47.71
C GLU A 224 -5.91 4.98 48.09
N MET A 225 -6.93 4.32 47.56
CA MET A 225 -7.20 2.94 47.98
C MET A 225 -6.22 1.91 47.44
N VAL A 226 -5.71 2.07 46.23
CA VAL A 226 -4.73 1.10 45.74
C VAL A 226 -3.39 1.30 46.45
N GLY A 227 -3.06 2.56 46.71
CA GLY A 227 -1.84 2.92 47.41
C GLY A 227 -1.79 2.43 48.84
N ARG A 228 -2.96 2.36 49.49
CA ARG A 228 -3.03 1.93 50.88
C ARG A 228 -3.27 0.42 50.91
N GLY A 229 -3.55 -0.16 49.74
CA GLY A 229 -3.74 -1.59 49.62
C GLY A 229 -5.13 -2.07 49.95
N SER A 230 -6.07 -1.15 50.05
CA SER A 230 -7.43 -1.52 50.41
C SER A 230 -8.31 -1.76 49.16
N LEU A 231 -7.82 -1.33 48.01
CA LEU A 231 -8.46 -1.56 46.71
C LEU A 231 -7.52 -2.36 45.80
N SER A 232 -8.03 -3.39 45.15
CA SER A 232 -7.25 -4.15 44.19
C SER A 232 -8.16 -4.83 43.14
N PRO A 233 -7.59 -5.30 42.02
CA PRO A 233 -8.48 -5.68 40.92
C PRO A 233 -9.38 -6.87 41.28
N ASP A 234 -10.64 -6.84 40.84
CA ASP A 234 -11.58 -7.93 41.11
C ASP A 234 -11.34 -9.14 40.23
N LEU A 235 -10.64 -10.11 40.82
CA LEU A 235 -10.21 -11.28 40.09
C LEU A 235 -11.35 -12.22 39.74
N SER A 236 -12.59 -11.82 40.02
CA SER A 236 -13.69 -12.73 39.75
C SER A 236 -14.21 -12.53 38.32
N LYS A 237 -13.66 -11.54 37.62
CA LYS A 237 -14.09 -11.25 36.26
C LYS A 237 -13.33 -12.01 35.17
N VAL A 238 -12.42 -12.91 35.55
CA VAL A 238 -11.62 -13.62 34.53
C VAL A 238 -12.43 -14.76 33.93
N ARG A 239 -12.23 -15.02 32.64
CA ARG A 239 -13.00 -16.04 31.93
C ARG A 239 -13.01 -17.40 32.60
N SER A 240 -14.08 -18.14 32.33
CA SER A 240 -14.26 -19.46 32.89
C SER A 240 -13.13 -20.40 32.39
N ASN A 241 -12.80 -20.32 31.11
CA ASN A 241 -11.78 -21.23 30.55
C ASN A 241 -10.30 -20.74 30.74
N CYS A 242 -10.12 -19.69 31.54
CA CYS A 242 -8.79 -19.20 31.91
C CYS A 242 -8.04 -20.13 32.86
N PRO A 243 -6.91 -20.70 32.42
CA PRO A 243 -6.17 -21.69 33.23
C PRO A 243 -5.72 -21.20 34.60
N LYS A 244 -5.65 -22.12 35.55
CA LYS A 244 -5.26 -21.81 36.93
C LYS A 244 -3.82 -21.29 37.03
N ARG A 245 -2.96 -21.76 36.12
CA ARG A 245 -1.59 -21.28 36.17
C ARG A 245 -1.63 -19.79 35.82
N MET A 246 -2.49 -19.42 34.88
CA MET A 246 -2.62 -18.03 34.48
C MET A 246 -3.14 -17.19 35.65
N LYS A 247 -4.05 -17.76 36.44
CA LYS A 247 -4.55 -17.08 37.62
C LYS A 247 -3.44 -16.91 38.63
N ARG A 248 -2.64 -17.97 38.84
CA ARG A 248 -1.57 -17.89 39.83
C ARG A 248 -0.59 -16.82 39.43
N LEU A 249 -0.10 -16.89 38.20
CA LEU A 249 0.85 -15.92 37.69
C LEU A 249 0.32 -14.50 37.84
N MET A 250 -0.93 -14.32 37.43
CA MET A 250 -1.57 -13.00 37.45
C MET A 250 -1.57 -12.43 38.85
N ALA A 251 -1.92 -13.27 39.83
CA ALA A 251 -1.97 -12.89 41.22
C ALA A 251 -0.57 -12.60 41.76
N GLU A 252 0.42 -13.36 41.29
CA GLU A 252 1.81 -13.13 41.66
C GLU A 252 2.27 -11.74 41.22
N CYS A 253 1.99 -11.42 39.96
CA CYS A 253 2.43 -10.16 39.38
C CYS A 253 1.79 -8.96 40.04
N LEU A 254 0.58 -9.13 40.54
CA LEU A 254 -0.18 -8.03 41.15
C LEU A 254 0.02 -7.90 42.65
N LYS A 255 0.99 -8.60 43.23
CA LYS A 255 1.23 -8.55 44.67
C LYS A 255 1.58 -7.14 45.15
N LYS A 256 0.95 -6.73 46.24
CA LYS A 256 1.07 -5.36 46.73
C LYS A 256 2.49 -5.05 47.21
N LYS A 257 3.14 -6.07 47.79
CA LYS A 257 4.53 -5.97 48.23
C LYS A 257 5.44 -6.35 47.07
N ARG A 258 6.21 -5.37 46.60
CA ARG A 258 6.95 -5.53 45.36
C ARG A 258 7.95 -6.69 45.35
N ASP A 259 8.62 -6.95 46.46
CA ASP A 259 9.60 -8.03 46.49
C ASP A 259 8.95 -9.41 46.40
N GLU A 260 7.63 -9.46 46.42
CA GLU A 260 6.91 -10.75 46.32
C GLU A 260 6.50 -11.10 44.88
N ARG A 261 6.84 -10.24 43.94
CA ARG A 261 6.53 -10.47 42.55
C ARG A 261 7.60 -11.30 41.83
N PRO A 262 7.19 -12.06 40.81
CA PRO A 262 8.14 -12.79 39.96
C PRO A 262 8.93 -11.86 39.04
N SER A 263 10.01 -12.38 38.48
CA SER A 263 10.83 -11.68 37.50
C SER A 263 10.31 -12.11 36.16
N PHE A 264 10.72 -11.45 35.07
CA PHE A 264 10.15 -11.83 33.77
C PHE A 264 10.65 -13.15 33.24
N PRO A 265 11.90 -13.54 33.58
CA PRO A 265 12.30 -14.88 33.10
C PRO A 265 11.37 -15.96 33.67
N ARG A 266 11.00 -15.79 34.93
CA ARG A 266 10.07 -16.69 35.59
C ARG A 266 8.72 -16.53 34.92
N ILE A 267 8.29 -15.26 34.74
CA ILE A 267 6.98 -14.98 34.13
C ILE A 267 6.85 -15.58 32.73
N LEU A 268 7.88 -15.37 31.90
CA LEU A 268 7.90 -15.93 30.56
C LEU A 268 7.88 -17.47 30.57
N ALA A 269 8.67 -18.09 31.43
CA ALA A 269 8.71 -19.55 31.53
C ALA A 269 7.32 -20.13 31.82
N GLU A 270 6.64 -19.57 32.81
CA GLU A 270 5.32 -20.05 33.24
C GLU A 270 4.32 -19.99 32.11
N ILE A 271 4.36 -18.90 31.35
CA ILE A 271 3.47 -18.70 30.20
C ILE A 271 3.91 -19.58 29.04
N GLU A 272 5.21 -19.82 28.90
CA GLU A 272 5.69 -20.74 27.86
C GLU A 272 5.07 -22.12 28.04
N GLU A 273 5.01 -22.58 29.29
CA GLU A 273 4.54 -23.93 29.59
C GLU A 273 3.03 -24.09 29.53
N LEU A 274 2.29 -23.16 30.13
CA LEU A 274 0.83 -23.32 30.08
C LEU A 274 0.33 -23.12 28.65
N ALA A 275 1.13 -22.48 27.82
CA ALA A 275 0.85 -22.40 26.38
C ALA A 275 1.08 -23.76 25.69
N ARG A 276 1.84 -24.63 26.34
CA ARG A 276 2.03 -26.00 25.85
C ARG A 276 0.86 -26.90 26.29
N PHE B 4 -27.19 -15.64 -8.67
CA PHE B 4 -25.93 -14.95 -8.97
C PHE B 4 -26.13 -13.47 -9.19
N ASP B 5 -25.07 -12.72 -8.96
CA ASP B 5 -25.07 -11.27 -9.01
C ASP B 5 -23.63 -10.73 -9.21
N ASP B 6 -23.41 -9.98 -10.31
CA ASP B 6 -22.13 -9.33 -10.60
C ASP B 6 -21.50 -8.60 -9.44
N TRP B 7 -22.35 -7.92 -8.68
CA TRP B 7 -21.89 -6.84 -7.83
C TRP B 7 -21.69 -7.31 -6.39
N GLU B 8 -22.06 -8.55 -6.13
CA GLU B 8 -21.83 -9.19 -4.84
C GLU B 8 -20.42 -9.76 -4.68
N ILE B 9 -19.78 -9.44 -3.55
CA ILE B 9 -18.50 -10.03 -3.21
C ILE B 9 -18.65 -11.27 -2.30
N PRO B 10 -18.21 -12.44 -2.79
CA PRO B 10 -18.24 -13.77 -2.17
C PRO B 10 -17.53 -13.84 -0.82
N ASP B 11 -18.04 -14.67 0.08
CA ASP B 11 -17.52 -14.75 1.44
C ASP B 11 -16.02 -15.12 1.39
N GLY B 12 -15.20 -14.41 2.16
CA GLY B 12 -13.77 -14.64 2.16
C GLY B 12 -13.03 -13.91 1.07
N GLN B 13 -13.71 -13.03 0.35
CA GLN B 13 -13.04 -12.30 -0.71
C GLN B 13 -12.60 -10.95 -0.16
N ILE B 14 -13.14 -10.65 1.01
CA ILE B 14 -12.85 -9.40 1.68
C ILE B 14 -12.24 -9.69 3.02
N THR B 15 -11.07 -9.11 3.24
CA THR B 15 -10.45 -9.14 4.55
C THR B 15 -10.86 -7.89 5.33
N VAL B 16 -11.58 -8.11 6.42
CA VAL B 16 -11.96 -7.00 7.27
C VAL B 16 -10.83 -6.67 8.26
N GLY B 17 -10.47 -5.38 8.34
CA GLY B 17 -9.41 -4.92 9.22
C GLY B 17 -9.88 -4.14 10.45
N GLN B 18 -9.27 -2.99 10.70
CA GLN B 18 -9.56 -2.20 11.90
C GLN B 18 -10.98 -1.62 11.93
N ARG B 19 -11.67 -1.78 13.05
CA ARG B 19 -12.95 -1.13 13.23
C ARG B 19 -12.71 0.37 13.30
N ILE B 20 -13.53 1.16 12.61
CA ILE B 20 -13.32 2.60 12.53
C ILE B 20 -14.35 3.36 13.33
N GLY B 21 -15.59 2.92 13.24
CA GLY B 21 -16.67 3.58 13.94
C GLY B 21 -18.01 3.26 13.34
N SER B 22 -19.04 3.87 13.91
CA SER B 22 -20.38 3.65 13.41
C SER B 22 -20.94 4.87 12.71
N GLY B 23 -21.26 4.70 11.43
CA GLY B 23 -21.98 5.71 10.67
C GLY B 23 -23.40 5.22 10.54
N SER B 24 -24.19 5.89 9.69
CA SER B 24 -25.61 5.54 9.52
C SER B 24 -25.76 4.03 9.24
N PHE B 25 -26.69 3.43 9.98
CA PHE B 25 -27.09 2.04 9.79
C PHE B 25 -26.03 0.99 10.08
N GLY B 26 -24.81 1.39 10.41
CA GLY B 26 -23.82 0.37 10.74
C GLY B 26 -22.43 0.72 11.18
N THR B 27 -21.54 -0.26 11.05
CA THR B 27 -20.18 -0.12 11.56
C THR B 27 -19.16 -0.21 10.44
N VAL B 28 -18.30 0.82 10.39
CA VAL B 28 -17.33 0.95 9.31
C VAL B 28 -16.00 0.37 9.71
N TYR B 29 -15.47 -0.46 8.81
CA TYR B 29 -14.17 -1.09 8.96
C TYR B 29 -13.23 -0.73 7.80
N LYS B 30 -11.93 -0.74 8.06
CA LYS B 30 -10.94 -0.72 6.99
C LYS B 30 -10.88 -2.15 6.45
N GLY B 31 -10.63 -2.34 5.17
CA GLY B 31 -10.70 -3.68 4.59
C GLY B 31 -9.86 -3.77 3.33
N LYS B 32 -9.65 -4.99 2.83
CA LYS B 32 -8.82 -5.13 1.64
C LYS B 32 -9.57 -5.94 0.59
N TRP B 33 -9.87 -5.27 -0.51
CA TRP B 33 -10.48 -5.91 -1.67
C TRP B 33 -9.68 -5.52 -2.89
N HIS B 34 -8.61 -6.26 -3.19
CA HIS B 34 -7.78 -5.92 -4.34
C HIS B 34 -7.19 -4.54 -4.15
N GLY B 35 -7.08 -4.11 -2.89
CA GLY B 35 -6.62 -2.77 -2.56
C GLY B 35 -7.24 -2.35 -1.24
N ASP B 36 -6.98 -1.12 -0.82
CA ASP B 36 -7.64 -0.59 0.36
C ASP B 36 -9.12 -0.33 0.07
N VAL B 37 -10.00 -0.74 0.98
CA VAL B 37 -11.42 -0.35 0.86
C VAL B 37 -11.99 -0.05 2.24
N ALA B 38 -13.18 0.54 2.25
CA ALA B 38 -13.95 0.75 3.47
C ALA B 38 -15.16 -0.17 3.45
N VAL B 39 -15.52 -0.72 4.60
CA VAL B 39 -16.64 -1.65 4.70
C VAL B 39 -17.61 -1.26 5.79
N LYS B 40 -18.86 -1.00 5.42
CA LYS B 40 -19.87 -0.75 6.44
C LYS B 40 -20.69 -1.98 6.62
N MET B 41 -20.51 -2.64 7.76
CA MET B 41 -21.36 -3.75 8.17
C MET B 41 -22.72 -3.17 8.52
N LEU B 42 -23.76 -3.64 7.84
CA LEU B 42 -25.09 -3.14 8.11
C LEU B 42 -25.75 -3.79 9.34
N ASN B 43 -26.61 -3.04 10.01
CA ASN B 43 -27.37 -3.57 11.14
C ASN B 43 -28.71 -4.19 10.70
N THR B 48 -32.68 -13.37 5.47
CA THR B 48 -34.01 -12.84 5.75
C THR B 48 -34.75 -12.35 4.49
N PRO B 49 -34.62 -13.13 3.37
CA PRO B 49 -35.04 -12.83 1.99
C PRO B 49 -35.68 -11.46 1.81
N GLN B 50 -36.95 -11.36 1.40
CA GLN B 50 -37.70 -10.07 1.26
C GLN B 50 -36.92 -8.77 1.56
N GLN B 51 -36.24 -8.74 2.71
CA GLN B 51 -35.38 -7.62 3.04
C GLN B 51 -34.17 -7.56 2.12
N LEU B 52 -33.70 -8.73 1.70
CA LEU B 52 -32.54 -8.82 0.82
C LEU B 52 -32.86 -8.22 -0.55
N GLN B 53 -34.07 -8.46 -1.05
CA GLN B 53 -34.51 -7.90 -2.33
C GLN B 53 -34.63 -6.38 -2.25
N ALA B 54 -35.13 -5.88 -1.12
CA ALA B 54 -35.21 -4.44 -0.93
C ALA B 54 -33.79 -3.85 -0.86
N PHE B 55 -32.87 -4.62 -0.31
CA PHE B 55 -31.49 -4.21 -0.25
C PHE B 55 -30.89 -4.09 -1.65
N LYS B 56 -31.20 -5.07 -2.50
CA LYS B 56 -30.76 -5.03 -3.89
C LYS B 56 -31.31 -3.82 -4.63
N ASN B 57 -32.59 -3.50 -4.40
CA ASN B 57 -33.19 -2.33 -5.05
C ASN B 57 -32.41 -1.07 -4.71
N GLU B 58 -31.96 -0.98 -3.46
CA GLU B 58 -31.07 0.11 -3.04
C GLU B 58 -29.70 0.05 -3.69
N VAL B 59 -29.14 -1.15 -3.81
CA VAL B 59 -27.87 -1.30 -4.49
C VAL B 59 -27.97 -0.79 -5.93
N GLY B 60 -29.11 -1.04 -6.56
CA GLY B 60 -29.32 -0.59 -7.92
C GLY B 60 -29.25 0.91 -8.02
N VAL B 61 -29.91 1.56 -7.08
CA VAL B 61 -29.90 3.01 -7.03
C VAL B 61 -28.48 3.52 -6.73
N LEU B 62 -27.78 2.90 -5.78
CA LEU B 62 -26.42 3.31 -5.45
C LEU B 62 -25.45 3.20 -6.59
N ARG B 63 -25.66 2.20 -7.44
CA ARG B 63 -24.74 1.93 -8.51
C ARG B 63 -24.81 3.06 -9.53
N LYS B 64 -25.89 3.83 -9.45
CA LYS B 64 -26.19 4.82 -10.46
C LYS B 64 -25.82 6.24 -10.03
N THR B 65 -25.61 6.48 -8.75
CA THR B 65 -25.24 7.83 -8.37
C THR B 65 -23.70 7.93 -8.25
N ARG B 66 -23.10 8.52 -9.28
CA ARG B 66 -21.66 8.62 -9.41
C ARG B 66 -21.30 10.06 -9.68
N HIS B 67 -20.40 10.59 -8.86
CA HIS B 67 -19.81 11.91 -8.99
C HIS B 67 -18.45 11.87 -8.33
N VAL B 68 -17.53 12.69 -8.82
CA VAL B 68 -16.17 12.70 -8.31
C VAL B 68 -16.10 13.03 -6.81
N ASN B 69 -17.13 13.68 -6.31
CA ASN B 69 -17.14 14.12 -4.92
C ASN B 69 -18.10 13.36 -4.06
N ILE B 70 -18.51 12.19 -4.49
CA ILE B 70 -19.18 11.28 -3.57
C ILE B 70 -18.52 9.90 -3.65
N LEU B 71 -18.59 9.15 -2.54
CA LEU B 71 -17.99 7.82 -2.47
C LEU B 71 -18.52 6.89 -3.57
N LEU B 72 -17.60 6.16 -4.20
CA LEU B 72 -17.96 5.17 -5.21
C LEU B 72 -18.42 3.85 -4.58
N PHE B 73 -19.57 3.35 -5.01
CA PHE B 73 -20.06 2.07 -4.53
C PHE B 73 -19.34 0.98 -5.31
N MET B 74 -18.72 0.04 -4.60
CA MET B 74 -17.89 -0.93 -5.27
C MET B 74 -18.47 -2.36 -5.27
N GLY B 75 -19.34 -2.65 -4.32
CA GLY B 75 -19.95 -3.97 -4.25
C GLY B 75 -20.56 -4.18 -2.89
N TYR B 76 -21.16 -5.35 -2.68
CA TYR B 76 -21.71 -5.67 -1.37
C TYR B 76 -21.48 -7.13 -1.03
N SER B 77 -21.60 -7.42 0.26
CA SER B 77 -21.61 -8.77 0.79
C SER B 77 -22.97 -9.05 1.39
N THR B 78 -23.30 -10.34 1.51
CA THR B 78 -24.50 -10.79 2.20
C THR B 78 -24.06 -11.74 3.31
N LYS B 79 -23.00 -12.48 3.02
CA LYS B 79 -22.36 -13.33 4.00
C LYS B 79 -20.87 -12.98 3.98
N PRO B 80 -20.25 -12.91 5.17
CA PRO B 80 -20.91 -13.27 6.43
C PRO B 80 -21.95 -12.27 6.96
N GLN B 81 -22.05 -11.08 6.36
CA GLN B 81 -23.00 -10.07 6.82
C GLN B 81 -23.33 -9.04 5.74
N LEU B 82 -24.44 -8.34 5.88
CA LEU B 82 -24.72 -7.25 4.96
C LEU B 82 -23.62 -6.21 5.03
N ALA B 83 -23.06 -5.87 3.87
CA ALA B 83 -21.97 -4.91 3.82
C ALA B 83 -21.99 -4.07 2.56
N ILE B 84 -21.69 -2.78 2.71
CA ILE B 84 -21.51 -1.86 1.60
C ILE B 84 -20.01 -1.55 1.49
N VAL B 85 -19.45 -1.74 0.31
CA VAL B 85 -18.03 -1.50 0.14
C VAL B 85 -17.83 -0.29 -0.76
N THR B 86 -17.04 0.67 -0.28
CA THR B 86 -16.67 1.82 -1.08
C THR B 86 -15.15 2.03 -1.04
N GLN B 87 -14.66 3.07 -1.71
CA GLN B 87 -13.24 3.33 -1.71
C GLN B 87 -12.79 3.81 -0.33
N TRP B 88 -11.49 3.65 -0.05
CA TRP B 88 -10.94 4.08 1.23
C TRP B 88 -10.41 5.49 1.15
N CYS B 89 -10.73 6.30 2.16
CA CYS B 89 -10.23 7.67 2.25
C CYS B 89 -9.19 7.84 3.37
N GLU B 90 -7.89 7.87 3.02
CA GLU B 90 -6.79 7.94 4.01
C GLU B 90 -6.81 9.19 4.85
N GLY B 91 -7.39 10.25 4.30
CA GLY B 91 -7.48 11.51 4.99
C GLY B 91 -8.55 11.50 6.06
N SER B 92 -9.22 10.35 6.21
CA SER B 92 -10.33 10.16 7.12
C SER B 92 -11.40 11.27 6.99
N SER B 93 -12.12 11.56 8.06
CA SER B 93 -13.22 12.50 7.93
C SER B 93 -12.81 13.92 8.28
N LEU B 94 -13.65 14.86 7.88
CA LEU B 94 -13.47 16.24 8.20
C LEU B 94 -13.60 16.44 9.71
N TYR B 95 -14.60 15.78 10.29
CA TYR B 95 -14.83 15.80 11.73
C TYR B 95 -13.56 15.41 12.45
N HIS B 96 -12.95 14.32 12.02
CA HIS B 96 -11.73 13.86 12.66
C HIS B 96 -10.63 14.90 12.63
N HIS B 97 -10.46 15.56 11.49
CA HIS B 97 -9.42 16.54 11.36
C HIS B 97 -9.67 17.77 12.21
N LEU B 98 -10.92 18.20 12.31
CA LEU B 98 -11.22 19.43 13.03
C LEU B 98 -11.37 19.27 14.53
N HIS B 99 -12.02 18.21 14.98
CA HIS B 99 -12.49 18.14 16.36
C HIS B 99 -11.83 17.02 17.14
N ALA B 100 -11.04 16.22 16.43
CA ALA B 100 -10.33 15.14 17.11
C ALA B 100 -8.84 15.44 17.08
N SER B 101 -8.24 15.37 15.89
CA SER B 101 -6.80 15.57 15.77
C SER B 101 -6.50 17.07 15.61
N GLU B 102 -7.55 17.88 15.58
CA GLU B 102 -7.38 19.33 15.50
C GLU B 102 -6.32 19.80 14.49
N THR B 103 -6.36 19.21 13.28
CA THR B 103 -5.53 19.64 12.17
C THR B 103 -5.76 21.11 11.85
N LYS B 104 -4.68 21.79 11.46
CA LYS B 104 -4.77 23.20 11.12
C LYS B 104 -4.74 23.34 9.60
N PHE B 105 -5.90 23.60 9.01
CA PHE B 105 -5.95 23.74 7.55
C PHE B 105 -5.76 25.18 7.20
N GLU B 106 -5.14 25.43 6.06
CA GLU B 106 -5.05 26.78 5.52
C GLU B 106 -6.44 27.19 5.07
N MET B 107 -6.70 28.49 5.01
CA MET B 107 -8.01 28.98 4.63
C MET B 107 -8.35 28.52 3.22
N LYS B 108 -7.31 28.35 2.41
CA LYS B 108 -7.50 27.94 1.04
C LYS B 108 -7.94 26.47 0.93
N LYS B 109 -7.45 25.66 1.85
CA LYS B 109 -7.77 24.24 1.87
C LYS B 109 -9.21 24.10 2.37
N LEU B 110 -9.57 24.94 3.35
CA LEU B 110 -10.91 24.96 3.92
C LEU B 110 -11.97 25.39 2.90
N ILE B 111 -11.61 26.34 2.07
CA ILE B 111 -12.55 26.89 1.10
C ILE B 111 -12.64 25.91 -0.06
N ASP B 112 -11.55 25.20 -0.32
CA ASP B 112 -11.56 24.13 -1.30
C ASP B 112 -12.41 22.96 -0.85
N ILE B 113 -12.31 22.62 0.42
CA ILE B 113 -13.12 21.56 0.99
C ILE B 113 -14.58 21.94 0.92
N ALA B 114 -14.87 23.21 1.21
CA ALA B 114 -16.24 23.69 1.14
C ALA B 114 -16.74 23.67 -0.31
N ARG B 115 -15.87 23.99 -1.26
CA ARG B 115 -16.25 23.96 -2.66
C ARG B 115 -16.62 22.56 -3.15
N GLN B 116 -15.77 21.59 -2.82
CA GLN B 116 -15.97 20.20 -3.22
C GLN B 116 -17.19 19.54 -2.57
N THR B 117 -17.45 19.89 -1.32
CA THR B 117 -18.61 19.37 -0.67
C THR B 117 -19.84 19.93 -1.35
N ALA B 118 -19.76 21.20 -1.75
CA ALA B 118 -20.87 21.84 -2.41
C ALA B 118 -21.12 21.21 -3.80
N ARG B 119 -20.04 20.84 -4.49
CA ARG B 119 -20.20 20.15 -5.77
C ARG B 119 -20.91 18.80 -5.62
N GLY B 120 -20.56 18.07 -4.56
CA GLY B 120 -21.14 16.77 -4.32
C GLY B 120 -22.60 16.92 -3.98
N MET B 121 -22.91 17.91 -3.13
CA MET B 121 -24.29 18.16 -2.76
C MET B 121 -25.09 18.66 -3.97
N ASP B 122 -24.44 19.45 -4.81
CA ASP B 122 -25.09 19.96 -6.01
C ASP B 122 -25.47 18.80 -6.92
N TYR B 123 -24.55 17.85 -7.07
CA TYR B 123 -24.83 16.67 -7.86
C TYR B 123 -26.03 15.91 -7.30
N LEU B 124 -25.98 15.58 -6.00
CA LEU B 124 -27.07 14.81 -5.39
C LEU B 124 -28.44 15.47 -5.55
N HIS B 125 -28.48 16.79 -5.33
CA HIS B 125 -29.74 17.48 -5.37
C HIS B 125 -30.24 17.60 -6.77
N ALA B 126 -29.34 17.75 -7.75
CA ALA B 126 -29.80 17.78 -9.14
C ALA B 126 -30.39 16.41 -9.55
N LYS B 127 -30.05 15.37 -8.81
CA LYS B 127 -30.60 14.03 -9.01
C LYS B 127 -31.77 13.86 -8.05
N SER B 128 -32.19 14.97 -7.43
CA SER B 128 -33.34 14.98 -6.54
C SER B 128 -33.15 14.10 -5.29
N ILE B 129 -31.91 13.71 -5.00
CA ILE B 129 -31.62 12.94 -3.81
C ILE B 129 -31.46 13.86 -2.61
N ILE B 130 -32.16 13.54 -1.52
CA ILE B 130 -32.01 14.23 -0.25
C ILE B 130 -31.10 13.42 0.69
N HIS B 131 -30.08 14.03 1.24
CA HIS B 131 -29.09 13.37 2.08
C HIS B 131 -29.64 12.97 3.44
N ARG B 132 -30.18 13.94 4.18
CA ARG B 132 -30.81 13.73 5.50
C ARG B 132 -29.79 13.67 6.63
N ASP B 133 -28.50 13.66 6.30
CA ASP B 133 -27.50 13.48 7.34
C ASP B 133 -26.14 14.08 7.05
N LEU B 134 -26.12 15.19 6.33
CA LEU B 134 -24.85 15.78 6.00
C LEU B 134 -24.25 16.31 7.28
N LYS B 135 -22.99 15.93 7.53
CA LYS B 135 -22.23 16.44 8.66
C LYS B 135 -20.76 16.12 8.39
N SER B 136 -19.88 16.72 9.19
CA SER B 136 -18.44 16.56 8.96
C SER B 136 -17.99 15.10 9.19
N ASN B 137 -18.78 14.32 9.93
CA ASN B 137 -18.46 12.92 10.18
C ASN B 137 -18.43 12.05 8.91
N ASN B 138 -19.26 12.40 7.93
CA ASN B 138 -19.31 11.63 6.71
C ASN B 138 -18.99 12.51 5.52
N ILE B 139 -18.15 13.51 5.75
CA ILE B 139 -17.44 14.20 4.67
C ILE B 139 -15.98 13.73 4.73
N PHE B 140 -15.57 12.95 3.74
CA PHE B 140 -14.29 12.30 3.81
C PHE B 140 -13.23 12.92 2.89
N LEU B 141 -11.96 12.78 3.29
CA LEU B 141 -10.84 13.34 2.53
C LEU B 141 -10.01 12.19 1.96
N HIS B 142 -9.91 12.16 0.63
CA HIS B 142 -9.23 11.10 -0.07
C HIS B 142 -7.76 11.47 -0.20
N GLU B 143 -6.92 10.43 -0.26
CA GLU B 143 -5.48 10.57 -0.38
C GLU B 143 -5.05 11.60 -1.44
N ASP B 144 -5.75 11.66 -2.58
CA ASP B 144 -5.45 12.61 -3.65
C ASP B 144 -6.03 14.01 -3.43
N ASN B 145 -6.50 14.27 -2.22
CA ASN B 145 -6.97 15.60 -1.82
C ASN B 145 -8.37 16.00 -2.32
N THR B 146 -9.15 15.04 -2.82
CA THR B 146 -10.54 15.33 -3.13
C THR B 146 -11.51 14.94 -1.98
N VAL B 147 -12.61 15.65 -1.87
CA VAL B 147 -13.62 15.35 -0.87
C VAL B 147 -14.59 14.27 -1.40
N LYS B 148 -14.96 13.34 -0.52
CA LYS B 148 -15.94 12.33 -0.87
C LYS B 148 -17.01 12.30 0.18
N ILE B 149 -18.25 12.56 -0.20
CA ILE B 149 -19.36 12.47 0.75
C ILE B 149 -19.88 11.03 0.92
N GLY B 150 -20.30 10.68 2.12
CA GLY B 150 -20.89 9.38 2.39
C GLY B 150 -22.18 9.54 3.18
N ASP B 151 -22.79 8.41 3.51
CA ASP B 151 -24.08 8.35 4.20
C ASP B 151 -25.26 8.98 3.48
N PHE B 152 -25.21 9.05 2.16
CA PHE B 152 -26.41 9.43 1.45
C PHE B 152 -27.21 8.19 1.09
N GLY B 153 -26.56 7.03 1.16
CA GLY B 153 -27.19 5.77 0.77
C GLY B 153 -28.20 5.23 1.75
N LEU B 154 -29.04 4.32 1.26
CA LEU B 154 -30.10 3.70 2.07
C LEU B 154 -31.16 4.74 2.39
N ALA B 155 -31.37 5.66 1.46
CA ALA B 155 -32.28 6.78 1.63
C ALA B 155 -33.71 6.32 1.94
N THR B 156 -34.21 5.43 1.11
CA THR B 156 -35.56 4.89 1.24
C THR B 156 -35.75 4.09 2.53
N SER B 173 -25.46 14.19 16.19
CA SER B 173 -26.00 14.44 14.84
C SER B 173 -27.04 15.56 14.81
N ILE B 174 -27.44 16.00 15.99
CA ILE B 174 -28.49 16.99 16.18
C ILE B 174 -27.95 18.37 15.81
N LEU B 175 -26.63 18.51 15.91
CA LEU B 175 -25.97 19.78 15.69
C LEU B 175 -26.15 20.32 14.26
N TRP B 176 -26.61 19.46 13.35
CA TRP B 176 -26.76 19.84 11.94
C TRP B 176 -28.21 19.90 11.55
N MET B 177 -29.13 19.57 12.45
CA MET B 177 -30.56 19.57 12.08
C MET B 177 -31.16 20.96 12.07
N ALA B 178 -31.66 21.39 10.92
CA ALA B 178 -32.37 22.66 10.84
C ALA B 178 -33.52 22.65 11.84
N PRO B 179 -33.88 23.83 12.35
CA PRO B 179 -34.94 24.01 13.36
C PRO B 179 -36.22 23.24 13.02
N GLU B 180 -36.66 23.27 11.75
CA GLU B 180 -37.86 22.52 11.34
C GLU B 180 -37.63 21.01 11.34
N VAL B 181 -36.38 20.58 11.33
CA VAL B 181 -36.08 19.15 11.36
C VAL B 181 -36.04 18.65 12.81
N ILE B 182 -35.53 19.49 13.69
CA ILE B 182 -35.45 19.20 15.12
C ILE B 182 -36.79 19.01 15.84
N ARG B 183 -37.79 19.84 15.52
CA ARG B 183 -39.05 19.74 16.27
C ARG B 183 -40.02 18.72 15.68
N MET B 184 -39.60 18.03 14.62
CA MET B 184 -40.36 16.89 14.11
C MET B 184 -39.55 16.02 13.16
N SER B 187 -41.22 12.28 11.88
CA SER B 187 -42.22 12.92 11.03
C SER B 187 -41.70 13.31 9.62
N ASN B 188 -40.65 12.62 9.16
CA ASN B 188 -39.99 12.85 7.86
C ASN B 188 -40.01 14.33 7.42
N PRO B 189 -39.34 15.19 8.21
CA PRO B 189 -39.31 16.63 7.95
C PRO B 189 -38.19 17.04 7.01
N TYR B 190 -37.48 16.09 6.44
CA TYR B 190 -36.27 16.36 5.67
C TYR B 190 -36.54 16.91 4.27
N SER B 191 -35.75 17.91 3.89
CA SER B 191 -35.88 18.48 2.55
C SER B 191 -34.54 18.99 2.05
N PHE B 192 -34.54 19.36 0.77
CA PHE B 192 -33.45 20.03 0.13
C PHE B 192 -32.94 21.20 0.97
N GLN B 193 -33.86 21.99 1.51
CA GLN B 193 -33.49 23.18 2.29
C GLN B 193 -32.87 22.78 3.66
N SER B 194 -33.28 21.65 4.23
CA SER B 194 -32.64 21.21 5.47
C SER B 194 -31.21 20.68 5.21
N ASP B 195 -30.96 20.16 4.00
CA ASP B 195 -29.62 19.77 3.60
C ASP B 195 -28.75 21.01 3.59
N VAL B 196 -29.30 22.07 3.00
CA VAL B 196 -28.56 23.31 2.86
C VAL B 196 -28.21 23.88 4.24
N TYR B 197 -29.14 23.73 5.19
CA TYR B 197 -28.85 24.14 6.53
C TYR B 197 -27.64 23.38 7.06
N ALA B 198 -27.68 22.05 6.91
CA ALA B 198 -26.66 21.17 7.44
C ALA B 198 -25.29 21.55 6.91
N PHE B 199 -25.26 21.91 5.63
CA PHE B 199 -24.06 22.40 4.98
C PHE B 199 -23.62 23.72 5.59
N GLY B 200 -24.60 24.51 6.00
CA GLY B 200 -24.33 25.76 6.67
C GLY B 200 -23.59 25.52 7.96
N ILE B 201 -23.95 24.46 8.66
CA ILE B 201 -23.26 24.14 9.88
C ILE B 201 -21.85 23.67 9.61
N VAL B 202 -21.67 22.97 8.48
CA VAL B 202 -20.37 22.47 8.07
C VAL B 202 -19.45 23.65 7.70
N LEU B 203 -20.03 24.71 7.12
CA LEU B 203 -19.27 25.92 6.90
C LEU B 203 -18.86 26.52 8.27
N TYR B 204 -19.77 26.50 9.25
CA TYR B 204 -19.44 26.98 10.57
C TYR B 204 -18.23 26.25 11.13
N GLU B 205 -18.24 24.93 11.03
CA GLU B 205 -17.12 24.11 11.45
C GLU B 205 -15.83 24.48 10.70
N LEU B 206 -15.94 24.73 9.40
CA LEU B 206 -14.76 25.03 8.58
C LEU B 206 -14.17 26.38 8.99
N MET B 207 -15.05 27.37 9.15
CA MET B 207 -14.66 28.73 9.42
C MET B 207 -14.44 29.03 10.91
N THR B 208 -14.87 28.16 11.81
CA THR B 208 -14.56 28.40 13.23
C THR B 208 -13.71 27.30 13.85
N GLY B 209 -13.54 26.19 13.15
CA GLY B 209 -12.79 25.07 13.70
C GLY B 209 -13.49 24.48 14.91
N GLN B 210 -14.73 24.90 15.13
CA GLN B 210 -15.48 24.43 16.28
C GLN B 210 -16.83 23.85 15.90
N LEU B 211 -17.33 22.99 16.78
CA LEU B 211 -18.71 22.55 16.74
C LEU B 211 -19.58 23.67 17.24
N PRO B 212 -20.78 23.81 16.68
CA PRO B 212 -21.63 24.87 17.22
C PRO B 212 -22.12 24.50 18.63
N TYR B 213 -22.42 25.50 19.45
CA TYR B 213 -22.98 25.31 20.80
C TYR B 213 -22.05 24.59 21.76
N SER B 214 -20.75 24.72 21.57
CA SER B 214 -19.79 23.99 22.40
C SER B 214 -19.86 24.37 23.88
N ASN B 215 -20.40 25.56 24.17
CA ASN B 215 -20.53 26.04 25.56
C ASN B 215 -21.82 25.64 26.28
N ILE B 216 -22.65 24.82 25.64
CA ILE B 216 -23.88 24.33 26.27
C ILE B 216 -23.77 22.80 26.40
N ASN B 217 -23.99 22.29 27.61
CA ASN B 217 -23.75 20.87 27.87
C ASN B 217 -24.97 19.96 27.74
N ASN B 218 -26.16 20.55 27.63
CA ASN B 218 -27.37 19.75 27.70
C ASN B 218 -28.02 19.61 26.33
N ARG B 219 -27.76 18.47 25.70
CA ARG B 219 -28.28 18.17 24.36
C ARG B 219 -29.80 18.35 24.25
N ASP B 220 -30.49 18.23 25.37
CA ASP B 220 -31.94 18.38 25.38
C ASP B 220 -32.31 19.87 25.34
N GLN B 221 -31.49 20.70 25.99
CA GLN B 221 -31.71 22.14 25.94
C GLN B 221 -31.36 22.70 24.55
N ILE B 222 -30.38 22.07 23.89
CA ILE B 222 -30.02 22.47 22.54
C ILE B 222 -31.18 22.13 21.58
N ILE B 223 -31.70 20.92 21.68
CA ILE B 223 -32.80 20.49 20.81
C ILE B 223 -33.98 21.42 20.90
N GLU B 224 -34.38 21.73 22.13
CA GLU B 224 -35.55 22.54 22.35
C GLU B 224 -35.29 23.95 21.81
N MET B 225 -34.17 24.55 22.18
CA MET B 225 -33.90 25.95 21.86
C MET B 225 -33.69 26.19 20.36
N VAL B 226 -33.06 25.25 19.68
CA VAL B 226 -32.90 25.35 18.22
C VAL B 226 -34.23 25.10 17.51
N GLY B 227 -35.01 24.18 18.08
CA GLY B 227 -36.33 23.86 17.57
C GLY B 227 -37.30 25.02 17.63
N ARG B 228 -37.11 25.94 18.58
CA ARG B 228 -38.01 27.07 18.76
C ARG B 228 -37.49 28.26 17.96
N GLY B 229 -36.29 28.13 17.43
CA GLY B 229 -35.68 29.22 16.67
C GLY B 229 -34.99 30.26 17.54
N SER B 230 -34.76 29.96 18.81
CA SER B 230 -34.12 30.93 19.71
C SER B 230 -32.64 30.67 19.83
N LEU B 231 -32.19 29.49 19.40
CA LEU B 231 -30.77 29.16 19.48
C LEU B 231 -30.16 28.97 18.11
N SER B 232 -29.03 29.61 17.86
CA SER B 232 -28.36 29.39 16.58
C SER B 232 -26.88 29.68 16.67
N PRO B 233 -26.12 29.24 15.67
CA PRO B 233 -24.66 29.33 15.80
C PRO B 233 -24.18 30.78 15.88
N ASP B 234 -23.23 31.04 16.76
CA ASP B 234 -22.64 32.36 16.90
C ASP B 234 -21.61 32.64 15.81
N LEU B 235 -22.01 33.35 14.76
CA LEU B 235 -21.09 33.55 13.64
C LEU B 235 -19.92 34.48 13.95
N SER B 236 -19.82 34.92 15.20
CA SER B 236 -18.75 35.86 15.53
C SER B 236 -17.51 35.10 15.95
N LYS B 237 -17.65 33.78 16.10
CA LYS B 237 -16.57 32.91 16.51
C LYS B 237 -15.77 32.42 15.30
N VAL B 238 -16.08 32.95 14.12
CA VAL B 238 -15.36 32.52 12.91
C VAL B 238 -14.03 33.25 12.85
N ARG B 239 -13.02 32.58 12.33
CA ARG B 239 -11.67 33.11 12.20
C ARG B 239 -11.67 34.47 11.50
N SER B 240 -10.65 35.29 11.79
CA SER B 240 -10.52 36.64 11.24
C SER B 240 -10.43 36.65 9.73
N ASN B 241 -9.68 35.70 9.17
CA ASN B 241 -9.45 35.66 7.72
C ASN B 241 -10.57 35.00 6.92
N CYS B 242 -11.68 34.69 7.58
CA CYS B 242 -12.87 34.20 6.88
C CYS B 242 -13.46 35.29 6.01
N PRO B 243 -13.44 35.09 4.70
CA PRO B 243 -13.88 36.11 3.74
C PRO B 243 -15.31 36.55 3.99
N LYS B 244 -15.64 37.80 3.67
CA LYS B 244 -16.96 38.33 3.99
C LYS B 244 -18.10 37.56 3.31
N ARG B 245 -17.91 37.13 2.07
CA ARG B 245 -18.93 36.41 1.31
C ARG B 245 -19.25 35.05 1.90
N MET B 246 -18.23 34.39 2.45
CA MET B 246 -18.39 33.09 3.10
C MET B 246 -19.25 33.22 4.36
N LYS B 247 -19.03 34.30 5.10
CA LYS B 247 -19.83 34.61 6.27
C LYS B 247 -21.25 34.88 5.82
N ARG B 248 -21.38 35.62 4.72
CA ARG B 248 -22.68 35.95 4.16
C ARG B 248 -23.40 34.66 3.75
N LEU B 249 -22.69 33.85 2.97
CA LEU B 249 -23.24 32.59 2.51
C LEU B 249 -23.69 31.76 3.71
N MET B 250 -22.84 31.71 4.72
CA MET B 250 -23.11 30.88 5.88
C MET B 250 -24.43 31.25 6.53
N ALA B 251 -24.59 32.55 6.74
CA ALA B 251 -25.76 33.08 7.41
C ALA B 251 -27.04 32.81 6.61
N GLU B 252 -26.94 32.84 5.28
CA GLU B 252 -28.05 32.48 4.41
C GLU B 252 -28.49 31.04 4.61
N CYS B 253 -27.51 30.12 4.58
CA CYS B 253 -27.77 28.69 4.67
C CYS B 253 -28.37 28.32 5.98
N LEU B 254 -28.06 29.10 7.00
CA LEU B 254 -28.55 28.84 8.34
C LEU B 254 -29.84 29.58 8.60
N LYS B 255 -30.38 30.22 7.56
CA LYS B 255 -31.62 30.98 7.72
C LYS B 255 -32.72 30.06 8.21
N LYS B 256 -33.41 30.50 9.25
CA LYS B 256 -34.41 29.70 9.94
C LYS B 256 -35.63 29.36 9.06
N LYS B 257 -36.04 30.31 8.22
CA LYS B 257 -37.15 30.04 7.31
C LYS B 257 -36.56 29.36 6.09
N ARG B 258 -36.89 28.08 5.94
CA ARG B 258 -36.19 27.23 4.99
C ARG B 258 -36.24 27.72 3.53
N ASP B 259 -37.40 28.22 3.11
CA ASP B 259 -37.56 28.72 1.75
C ASP B 259 -36.76 30.02 1.53
N GLU B 260 -36.09 30.50 2.58
CA GLU B 260 -35.20 31.64 2.46
C GLU B 260 -33.75 31.20 2.25
N ARG B 261 -33.53 29.88 2.29
CA ARG B 261 -32.18 29.36 2.10
C ARG B 261 -31.91 29.22 0.63
N PRO B 262 -30.66 29.44 0.24
CA PRO B 262 -30.28 29.30 -1.17
C PRO B 262 -30.29 27.83 -1.59
N SER B 263 -30.31 27.59 -2.88
CA SER B 263 -30.27 26.24 -3.40
C SER B 263 -28.81 25.95 -3.59
N PHE B 264 -28.45 24.70 -3.89
CA PHE B 264 -27.03 24.40 -4.04
C PHE B 264 -26.41 24.94 -5.32
N PRO B 265 -27.20 25.13 -6.39
CA PRO B 265 -26.50 25.74 -7.53
C PRO B 265 -26.01 27.15 -7.19
N ARG B 266 -26.81 27.90 -6.42
CA ARG B 266 -26.35 29.23 -6.01
C ARG B 266 -25.15 29.10 -5.08
N ILE B 267 -25.26 28.22 -4.09
CA ILE B 267 -24.21 27.99 -3.11
C ILE B 267 -22.89 27.61 -3.79
N LEU B 268 -22.95 26.68 -4.74
CA LEU B 268 -21.75 26.30 -5.45
C LEU B 268 -21.22 27.47 -6.28
N ALA B 269 -22.13 28.18 -6.95
CA ALA B 269 -21.74 29.34 -7.75
C ALA B 269 -21.01 30.36 -6.88
N GLU B 270 -21.61 30.67 -5.74
CA GLU B 270 -21.06 31.65 -4.82
C GLU B 270 -19.66 31.28 -4.31
N ILE B 271 -19.46 30.01 -3.98
CA ILE B 271 -18.16 29.57 -3.46
C ILE B 271 -17.11 29.48 -4.56
N GLU B 272 -17.53 29.12 -5.77
CA GLU B 272 -16.63 29.09 -6.90
C GLU B 272 -16.00 30.48 -7.10
N GLU B 273 -16.84 31.50 -6.98
CA GLU B 273 -16.42 32.86 -7.28
C GLU B 273 -15.58 33.50 -6.18
N LEU B 274 -16.01 33.34 -4.94
CA LEU B 274 -15.29 33.95 -3.83
C LEU B 274 -13.92 33.29 -3.70
N ALA B 275 -13.76 32.08 -4.24
CA ALA B 275 -12.44 31.47 -4.27
C ALA B 275 -11.53 32.16 -5.28
N ARG B 276 -12.14 32.79 -6.27
CA ARG B 276 -11.42 33.56 -7.28
C ARG B 276 -11.18 35.01 -6.85
N GLY C 1 -29.73 -6.18 -10.63
CA GLY C 1 -28.67 -6.53 -11.57
C GLY C 1 -28.02 -5.34 -12.25
N SER C 2 -26.69 -5.39 -12.30
CA SER C 2 -25.85 -4.42 -13.01
C SER C 2 -26.14 -4.49 -14.50
N GLU C 3 -25.94 -3.37 -15.18
CA GLU C 3 -25.98 -3.32 -16.63
C GLU C 3 -24.63 -2.79 -17.14
N PHE C 4 -24.38 -2.91 -18.45
CA PHE C 4 -23.10 -2.53 -19.03
C PHE C 4 -22.61 -1.14 -18.59
N ASP C 5 -23.49 -0.15 -18.47
CA ASP C 5 -23.04 1.20 -18.08
C ASP C 5 -22.41 1.25 -16.68
N ASP C 6 -22.93 0.45 -15.77
CA ASP C 6 -22.42 0.26 -14.41
C ASP C 6 -20.92 -0.13 -14.36
N TRP C 7 -20.45 -0.78 -15.41
CA TRP C 7 -19.15 -1.43 -15.38
C TRP C 7 -18.06 -0.53 -15.92
N GLU C 8 -18.42 0.71 -16.20
CA GLU C 8 -17.43 1.68 -16.54
C GLU C 8 -16.73 2.13 -15.25
N ILE C 9 -15.40 2.20 -15.28
CA ILE C 9 -14.66 2.76 -14.15
C ILE C 9 -14.52 4.24 -14.47
N PRO C 10 -15.03 5.11 -13.59
CA PRO C 10 -15.08 6.54 -13.94
C PRO C 10 -13.71 7.09 -14.39
N ASP C 11 -13.74 8.04 -15.32
CA ASP C 11 -12.56 8.44 -16.10
C ASP C 11 -11.25 8.81 -15.38
N GLY C 12 -11.31 9.43 -14.21
CA GLY C 12 -10.05 9.82 -13.61
C GLY C 12 -9.50 8.96 -12.49
N GLN C 13 -10.07 7.77 -12.30
CA GLN C 13 -9.79 6.94 -11.12
C GLN C 13 -8.67 5.92 -11.32
N ILE C 14 -8.20 5.81 -12.55
CA ILE C 14 -7.10 4.92 -12.83
C ILE C 14 -5.93 5.69 -13.43
N THR C 15 -4.79 5.54 -12.79
CA THR C 15 -3.52 6.00 -13.30
C THR C 15 -2.88 4.83 -14.06
N VAL C 16 -2.65 5.04 -15.35
CA VAL C 16 -1.99 4.03 -16.15
C VAL C 16 -0.49 4.24 -16.06
N GLY C 17 0.22 3.17 -15.71
CA GLY C 17 1.66 3.22 -15.56
C GLY C 17 2.42 2.51 -16.67
N GLN C 18 3.36 1.67 -16.26
CA GLN C 18 4.26 1.00 -17.19
C GLN C 18 3.60 -0.04 -18.08
N ARG C 19 4.02 -0.03 -19.33
CA ARG C 19 3.68 -1.06 -20.28
C ARG C 19 4.37 -2.39 -19.91
N ILE C 20 3.64 -3.50 -20.05
CA ILE C 20 4.14 -4.79 -19.63
C ILE C 20 4.47 -5.62 -20.85
N GLY C 21 3.60 -5.50 -21.86
CA GLY C 21 3.73 -6.20 -23.12
C GLY C 21 2.38 -6.16 -23.82
N SER C 22 2.27 -6.82 -24.96
CA SER C 22 1.00 -6.92 -25.64
C SER C 22 0.46 -8.37 -25.65
N GLY C 23 -0.76 -8.56 -25.11
CA GLY C 23 -1.51 -9.80 -25.22
C GLY C 23 -2.70 -9.74 -26.19
N SER C 24 -3.59 -10.73 -26.16
CA SER C 24 -4.70 -10.82 -27.12
C SER C 24 -5.51 -9.53 -27.23
N PHE C 25 -5.70 -9.09 -28.47
CA PHE C 25 -6.52 -7.91 -28.85
C PHE C 25 -5.97 -6.55 -28.39
N GLY C 26 -4.86 -6.52 -27.65
CA GLY C 26 -4.27 -5.26 -27.24
C GLY C 26 -2.97 -5.24 -26.40
N THR C 27 -2.74 -4.12 -25.71
CA THR C 27 -1.50 -3.84 -24.99
C THR C 27 -1.68 -3.71 -23.48
N VAL C 28 -0.95 -4.49 -22.68
CA VAL C 28 -1.14 -4.52 -21.23
C VAL C 28 -0.22 -3.58 -20.49
N TYR C 29 -0.82 -2.80 -19.60
CA TYR C 29 -0.07 -1.86 -18.77
C TYR C 29 -0.32 -2.21 -17.32
N LYS C 30 0.62 -1.87 -16.44
CA LYS C 30 0.33 -1.85 -15.02
C LYS C 30 -0.44 -0.55 -14.74
N GLY C 31 -1.27 -0.57 -13.70
CA GLY C 31 -2.12 0.55 -13.41
C GLY C 31 -2.52 0.58 -11.95
N LYS C 32 -3.07 1.71 -11.55
CA LYS C 32 -3.53 1.85 -10.19
C LYS C 32 -4.97 2.41 -10.13
N TRP C 33 -5.84 1.67 -9.44
CA TRP C 33 -7.22 2.09 -9.18
C TRP C 33 -7.22 2.36 -7.67
N HIS C 34 -8.00 1.62 -6.90
CA HIS C 34 -7.90 1.75 -5.45
C HIS C 34 -6.77 0.83 -5.02
N GLY C 35 -5.92 0.48 -5.97
CA GLY C 35 -4.96 -0.60 -5.75
C GLY C 35 -4.42 -1.02 -7.09
N ASP C 36 -3.61 -2.07 -7.10
CA ASP C 36 -3.01 -2.55 -8.34
C ASP C 36 -4.02 -3.16 -9.26
N VAL C 37 -3.89 -2.83 -10.52
CA VAL C 37 -4.71 -3.43 -11.57
C VAL C 37 -3.87 -3.59 -12.84
N ALA C 38 -4.37 -4.40 -13.77
CA ALA C 38 -3.76 -4.45 -15.08
C ALA C 38 -4.74 -3.85 -16.08
N VAL C 39 -4.22 -3.11 -17.05
CA VAL C 39 -5.07 -2.47 -18.03
C VAL C 39 -4.64 -2.87 -19.45
N LYS C 40 -5.54 -3.53 -20.17
CA LYS C 40 -5.29 -3.88 -21.55
C LYS C 40 -6.00 -2.90 -22.46
N MET C 41 -5.21 -2.02 -23.07
CA MET C 41 -5.67 -1.09 -24.10
C MET C 41 -6.04 -1.85 -25.34
N LEU C 42 -7.28 -1.73 -25.75
CA LEU C 42 -7.77 -2.39 -26.94
C LEU C 42 -7.37 -1.56 -28.16
N ASN C 43 -7.21 -2.23 -29.31
CA ASN C 43 -6.83 -1.53 -30.53
C ASN C 43 -8.08 -1.04 -31.23
N VAL C 44 -8.74 -0.09 -30.59
CA VAL C 44 -10.02 0.40 -31.06
C VAL C 44 -10.23 1.86 -30.65
N PRO C 47 -16.81 2.89 -31.11
CA PRO C 47 -16.47 3.30 -32.49
C PRO C 47 -17.64 3.07 -33.44
N THR C 48 -17.74 1.93 -34.12
CA THR C 48 -18.97 1.66 -34.89
C THR C 48 -19.94 0.98 -33.94
N PRO C 49 -21.20 1.44 -33.92
CA PRO C 49 -22.24 0.87 -33.04
C PRO C 49 -22.21 -0.66 -32.95
N GLN C 50 -21.64 -1.32 -33.97
CA GLN C 50 -21.46 -2.78 -33.99
C GLN C 50 -20.33 -3.28 -33.08
N GLN C 51 -19.15 -2.66 -33.14
CA GLN C 51 -18.06 -3.02 -32.24
C GLN C 51 -18.42 -2.62 -30.80
N LEU C 52 -19.18 -1.55 -30.64
CA LEU C 52 -19.54 -1.15 -29.31
C LEU C 52 -20.45 -2.20 -28.67
N GLN C 53 -21.42 -2.67 -29.44
CA GLN C 53 -22.35 -3.69 -28.96
C GLN C 53 -21.61 -5.04 -28.80
N ALA C 54 -20.63 -5.30 -29.66
CA ALA C 54 -19.82 -6.49 -29.54
C ALA C 54 -19.03 -6.45 -28.23
N PHE C 55 -18.56 -5.25 -27.90
CA PHE C 55 -17.84 -5.05 -26.65
C PHE C 55 -18.79 -5.17 -25.45
N LYS C 56 -20.00 -4.63 -25.57
CA LYS C 56 -21.03 -4.77 -24.56
C LYS C 56 -21.29 -6.26 -24.33
N ASN C 57 -21.40 -7.02 -25.42
CA ASN C 57 -21.62 -8.47 -25.34
C ASN C 57 -20.49 -9.26 -24.67
N GLU C 58 -19.26 -8.96 -25.04
CA GLU C 58 -18.14 -9.71 -24.49
C GLU C 58 -17.97 -9.44 -23.02
N VAL C 59 -18.07 -8.18 -22.65
CA VAL C 59 -18.05 -7.77 -21.24
C VAL C 59 -19.17 -8.48 -20.53
N GLY C 60 -20.28 -8.67 -21.24
CA GLY C 60 -21.40 -9.36 -20.64
C GLY C 60 -21.00 -10.75 -20.21
N VAL C 61 -20.31 -11.46 -21.11
CA VAL C 61 -19.79 -12.81 -20.84
C VAL C 61 -18.70 -12.80 -19.76
N LEU C 62 -17.80 -11.81 -19.82
CA LEU C 62 -16.70 -11.65 -18.86
C LEU C 62 -17.19 -11.45 -17.45
N ARG C 63 -18.32 -10.76 -17.31
CA ARG C 63 -18.88 -10.53 -15.98
C ARG C 63 -19.46 -11.80 -15.38
N LYS C 64 -19.74 -12.79 -16.22
CA LYS C 64 -20.43 -13.99 -15.76
C LYS C 64 -19.50 -15.17 -15.52
N THR C 65 -18.28 -15.07 -16.04
CA THR C 65 -17.32 -16.16 -15.84
C THR C 65 -16.36 -15.87 -14.70
N ARG C 66 -16.58 -16.56 -13.59
CA ARG C 66 -15.77 -16.36 -12.39
C ARG C 66 -15.27 -17.67 -11.81
N HIS C 67 -13.96 -17.77 -11.64
CA HIS C 67 -13.36 -18.92 -10.99
C HIS C 67 -12.08 -18.45 -10.32
N VAL C 68 -11.74 -19.11 -9.23
CA VAL C 68 -10.62 -18.68 -8.39
C VAL C 68 -9.34 -18.71 -9.18
N ASN C 69 -9.33 -19.47 -10.27
CA ASN C 69 -8.10 -19.64 -11.04
C ASN C 69 -8.15 -18.92 -12.37
N ILE C 70 -9.05 -17.95 -12.51
CA ILE C 70 -8.98 -17.05 -13.68
C ILE C 70 -9.11 -15.59 -13.28
N LEU C 71 -8.53 -14.71 -14.09
CA LEU C 71 -8.53 -13.26 -13.81
C LEU C 71 -9.93 -12.69 -13.60
N LEU C 72 -10.08 -11.85 -12.58
CA LEU C 72 -11.35 -11.17 -12.32
C LEU C 72 -11.55 -9.98 -13.22
N PHE C 73 -12.70 -9.90 -13.86
CA PHE C 73 -12.97 -8.71 -14.64
C PHE C 73 -13.39 -7.65 -13.63
N MET C 74 -12.79 -6.49 -13.71
CA MET C 74 -13.07 -5.48 -12.72
C MET C 74 -13.83 -4.31 -13.31
N GLY C 75 -13.71 -4.12 -14.62
CA GLY C 75 -14.32 -3.00 -15.29
C GLY C 75 -13.62 -2.66 -16.58
N TYR C 76 -14.06 -1.59 -17.22
CA TYR C 76 -13.45 -1.11 -18.45
C TYR C 76 -13.33 0.41 -18.47
N SER C 77 -12.49 0.91 -19.36
CA SER C 77 -12.33 2.33 -19.62
C SER C 77 -12.82 2.69 -21.01
N THR C 78 -13.13 3.97 -21.22
CA THR C 78 -13.60 4.47 -22.50
C THR C 78 -12.66 5.51 -23.11
N LYS C 79 -11.91 6.19 -22.26
CA LYS C 79 -10.94 7.18 -22.71
C LYS C 79 -9.56 6.87 -22.14
N PRO C 80 -8.50 7.02 -22.95
CA PRO C 80 -8.58 7.51 -24.33
C PRO C 80 -9.14 6.47 -25.30
N GLN C 81 -9.33 5.26 -24.81
CA GLN C 81 -9.79 4.17 -25.67
C GLN C 81 -10.36 3.04 -24.83
N LEU C 82 -11.07 2.12 -25.48
CA LEU C 82 -11.62 0.96 -24.80
C LEU C 82 -10.50 0.17 -24.11
N ALA C 83 -10.72 -0.16 -22.84
CA ALA C 83 -9.71 -0.87 -22.06
C ALA C 83 -10.39 -1.83 -21.10
N ILE C 84 -9.76 -3.00 -20.90
CA ILE C 84 -10.20 -4.00 -19.95
C ILE C 84 -9.32 -4.01 -18.70
N VAL C 85 -9.95 -3.93 -17.54
CA VAL C 85 -9.26 -3.90 -16.26
C VAL C 85 -9.53 -5.20 -15.50
N THR C 86 -8.45 -5.83 -15.04
CA THR C 86 -8.48 -7.04 -14.20
C THR C 86 -7.58 -6.83 -13.00
N GLN C 87 -7.49 -7.82 -12.11
CA GLN C 87 -6.60 -7.70 -10.94
C GLN C 87 -5.13 -7.77 -11.39
N TRP C 88 -4.24 -7.29 -10.52
CA TRP C 88 -2.81 -7.35 -10.79
C TRP C 88 -2.17 -8.60 -10.22
N CYS C 89 -1.28 -9.21 -11.00
CA CYS C 89 -0.51 -10.37 -10.52
C CYS C 89 0.98 -10.03 -10.33
N GLU C 90 1.35 -9.80 -9.07
CA GLU C 90 2.70 -9.36 -8.68
C GLU C 90 3.76 -10.40 -9.09
N GLY C 91 3.32 -11.66 -9.18
CA GLY C 91 4.15 -12.78 -9.56
C GLY C 91 4.44 -12.90 -11.03
N SER C 92 3.93 -11.95 -11.81
CA SER C 92 4.03 -11.98 -13.29
C SER C 92 3.59 -13.34 -13.88
N SER C 93 4.15 -13.69 -15.03
CA SER C 93 3.68 -14.89 -15.72
C SER C 93 4.45 -16.13 -15.29
N LEU C 94 3.90 -17.28 -15.63
CA LEU C 94 4.57 -18.56 -15.43
C LEU C 94 5.78 -18.58 -16.33
N TYR C 95 5.58 -18.10 -17.55
CA TYR C 95 6.65 -18.00 -18.52
C TYR C 95 7.85 -17.24 -17.97
N HIS C 96 7.58 -16.04 -17.45
CA HIS C 96 8.62 -15.17 -16.95
C HIS C 96 9.38 -15.87 -15.81
N HIS C 97 8.67 -16.59 -14.94
CA HIS C 97 9.37 -17.29 -13.87
C HIS C 97 10.23 -18.45 -14.40
N LEU C 98 9.75 -19.15 -15.43
CA LEU C 98 10.50 -20.30 -15.94
C LEU C 98 11.60 -19.92 -16.93
N HIS C 99 11.30 -18.96 -17.81
CA HIS C 99 12.11 -18.69 -18.99
C HIS C 99 12.73 -17.29 -19.01
N ALA C 100 12.38 -16.50 -18.02
CA ALA C 100 12.92 -15.17 -17.90
C ALA C 100 13.80 -15.12 -16.67
N SER C 101 13.22 -15.26 -15.50
CA SER C 101 14.00 -15.19 -14.28
C SER C 101 14.61 -16.54 -13.96
N GLU C 102 14.27 -17.53 -14.77
CA GLU C 102 14.73 -18.90 -14.58
C GLU C 102 14.64 -19.25 -13.09
N THR C 103 13.49 -18.91 -12.51
CA THR C 103 13.14 -19.28 -11.15
C THR C 103 13.15 -20.80 -11.04
N LYS C 104 13.60 -21.31 -9.89
CA LYS C 104 13.62 -22.75 -9.68
C LYS C 104 12.53 -23.16 -8.70
N PHE C 105 11.46 -23.76 -9.21
CA PHE C 105 10.38 -24.24 -8.35
C PHE C 105 10.67 -25.69 -7.94
N GLU C 106 10.27 -26.04 -6.72
CA GLU C 106 10.25 -27.44 -6.30
C GLU C 106 9.12 -28.19 -7.01
N MET C 107 9.20 -29.52 -7.05
CA MET C 107 8.21 -30.31 -7.75
C MET C 107 6.80 -30.17 -7.16
N LYS C 108 6.69 -29.97 -5.85
CA LYS C 108 5.37 -29.88 -5.20
C LYS C 108 4.63 -28.62 -5.67
N LYS C 109 5.37 -27.55 -5.94
CA LYS C 109 4.74 -26.34 -6.44
C LYS C 109 4.44 -26.51 -7.93
N LEU C 110 5.34 -27.21 -8.63
CA LEU C 110 5.19 -27.41 -10.07
C LEU C 110 3.88 -28.16 -10.34
N ILE C 111 3.56 -29.09 -9.45
CA ILE C 111 2.36 -29.89 -9.57
C ILE C 111 1.14 -29.08 -9.15
N ASP C 112 1.32 -28.20 -8.18
CA ASP C 112 0.25 -27.31 -7.76
C ASP C 112 -0.16 -26.34 -8.86
N ILE C 113 0.83 -25.79 -9.56
CA ILE C 113 0.56 -24.88 -10.65
C ILE C 113 -0.20 -25.57 -11.76
N ALA C 114 0.19 -26.80 -12.07
CA ALA C 114 -0.49 -27.59 -13.09
C ALA C 114 -1.90 -27.91 -12.61
N ARG C 115 -2.07 -28.18 -11.32
CA ARG C 115 -3.38 -28.50 -10.78
C ARG C 115 -4.31 -27.29 -10.88
N GLN C 116 -3.81 -26.16 -10.40
CA GLN C 116 -4.56 -24.90 -10.40
C GLN C 116 -4.86 -24.45 -11.81
N THR C 117 -3.92 -24.66 -12.72
CA THR C 117 -4.17 -24.30 -14.10
C THR C 117 -5.29 -25.15 -14.70
N ALA C 118 -5.33 -26.41 -14.31
CA ALA C 118 -6.33 -27.33 -14.82
C ALA C 118 -7.70 -26.99 -14.29
N ARG C 119 -7.77 -26.52 -13.04
CA ARG C 119 -9.07 -26.13 -12.49
C ARG C 119 -9.68 -24.97 -13.29
N GLY C 120 -8.84 -24.02 -13.70
CA GLY C 120 -9.30 -22.88 -14.47
C GLY C 120 -9.75 -23.23 -15.88
N MET C 121 -8.96 -24.07 -16.56
CA MET C 121 -9.32 -24.57 -17.89
C MET C 121 -10.53 -25.47 -17.77
N ASP C 122 -10.61 -26.19 -16.67
CA ASP C 122 -11.75 -27.03 -16.42
C ASP C 122 -13.02 -26.19 -16.39
N TYR C 123 -12.98 -25.08 -15.64
CA TYR C 123 -14.08 -24.12 -15.54
C TYR C 123 -14.42 -23.44 -16.90
N LEU C 124 -13.39 -22.95 -17.60
CA LEU C 124 -13.57 -22.33 -18.91
C LEU C 124 -14.26 -23.30 -19.87
N HIS C 125 -13.85 -24.56 -19.85
CA HIS C 125 -14.43 -25.52 -20.75
C HIS C 125 -15.84 -25.90 -20.34
N ALA C 126 -16.11 -25.99 -19.04
CA ALA C 126 -17.45 -26.28 -18.57
C ALA C 126 -18.39 -25.13 -18.92
N LYS C 127 -17.83 -23.95 -19.17
CA LYS C 127 -18.62 -22.81 -19.60
C LYS C 127 -18.51 -22.63 -21.10
N SER C 128 -18.04 -23.67 -21.78
CA SER C 128 -17.96 -23.71 -23.24
C SER C 128 -17.01 -22.70 -23.86
N ILE C 129 -16.17 -22.07 -23.06
CA ILE C 129 -15.20 -21.15 -23.63
C ILE C 129 -13.93 -21.90 -24.03
N ILE C 130 -13.47 -21.66 -25.25
CA ILE C 130 -12.23 -22.20 -25.76
C ILE C 130 -11.19 -21.12 -25.63
N HIS C 131 -10.05 -21.42 -25.03
CA HIS C 131 -9.08 -20.38 -24.79
C HIS C 131 -8.47 -19.93 -26.10
N ARG C 132 -7.88 -20.87 -26.82
CA ARG C 132 -7.28 -20.64 -28.14
C ARG C 132 -5.89 -20.04 -28.09
N ASP C 133 -5.46 -19.61 -26.92
CA ASP C 133 -4.21 -18.85 -26.82
C ASP C 133 -3.49 -19.15 -25.50
N LEU C 134 -3.78 -20.33 -24.96
CA LEU C 134 -3.20 -20.77 -23.71
C LEU C 134 -1.72 -21.06 -23.89
N LYS C 135 -0.92 -20.40 -23.05
CA LYS C 135 0.51 -20.61 -22.98
C LYS C 135 0.97 -20.01 -21.65
N SER C 136 2.21 -20.30 -21.26
CA SER C 136 2.68 -19.85 -19.94
C SER C 136 2.75 -18.32 -19.86
N ASN C 137 2.86 -17.67 -21.02
CA ASN C 137 2.90 -16.22 -21.09
C ASN C 137 1.63 -15.60 -20.53
N ASN C 138 0.52 -16.31 -20.61
CA ASN C 138 -0.71 -15.78 -20.03
C ASN C 138 -1.25 -16.70 -18.93
N ILE C 139 -0.34 -17.41 -18.25
CA ILE C 139 -0.66 -17.98 -16.95
C ILE C 139 0.06 -17.16 -15.88
N PHE C 140 -0.70 -16.39 -15.13
CA PHE C 140 -0.14 -15.41 -14.23
C PHE C 140 -0.19 -15.94 -12.80
N LEU C 141 0.75 -15.45 -12.00
CA LEU C 141 0.94 -15.83 -10.62
C LEU C 141 0.62 -14.66 -9.70
N HIS C 142 -0.34 -14.86 -8.83
CA HIS C 142 -0.79 -13.80 -7.94
C HIS C 142 0.01 -13.79 -6.65
N GLU C 143 0.11 -12.62 -6.04
CA GLU C 143 0.79 -12.45 -4.76
C GLU C 143 0.45 -13.56 -3.75
N ASP C 144 -0.81 -13.98 -3.71
CA ASP C 144 -1.22 -15.04 -2.81
C ASP C 144 -0.91 -16.47 -3.34
N ASN C 145 -0.17 -16.55 -4.43
CA ASN C 145 0.34 -17.82 -4.93
C ASN C 145 -0.71 -18.70 -5.58
N THR C 146 -1.86 -18.12 -5.87
CA THR C 146 -2.85 -18.84 -6.62
C THR C 146 -2.64 -18.54 -8.11
N VAL C 147 -3.00 -19.48 -8.96
CA VAL C 147 -2.86 -19.27 -10.40
C VAL C 147 -4.07 -18.50 -10.96
N LYS C 148 -3.81 -17.57 -11.87
CA LYS C 148 -4.87 -16.85 -12.58
C LYS C 148 -4.61 -16.90 -14.07
N ILE C 149 -5.52 -17.49 -14.83
CA ILE C 149 -5.42 -17.50 -16.30
C ILE C 149 -5.93 -16.18 -16.89
N GLY C 150 -5.29 -15.75 -17.98
CA GLY C 150 -5.73 -14.57 -18.71
C GLY C 150 -5.79 -14.84 -20.20
N ASP C 151 -6.17 -13.85 -20.99
CA ASP C 151 -6.41 -14.02 -22.42
C ASP C 151 -7.50 -15.06 -22.77
N PHE C 152 -8.46 -15.29 -21.87
CA PHE C 152 -9.58 -16.14 -22.26
C PHE C 152 -10.70 -15.27 -22.81
N GLY C 153 -10.65 -13.98 -22.52
CA GLY C 153 -11.71 -13.06 -22.91
C GLY C 153 -11.74 -12.73 -24.39
N LEU C 154 -12.87 -12.19 -24.84
CA LEU C 154 -13.08 -11.83 -26.23
C LEU C 154 -13.13 -13.09 -27.10
N ALA C 155 -13.64 -14.18 -26.51
CA ALA C 155 -13.66 -15.51 -27.13
C ALA C 155 -14.36 -15.53 -28.50
N THR C 156 -15.57 -15.01 -28.55
CA THR C 156 -16.34 -14.93 -29.78
C THR C 156 -15.63 -14.07 -30.82
N GLU C 157 -15.07 -12.96 -30.37
CA GLU C 157 -14.39 -12.05 -31.27
C GLU C 157 -13.21 -12.73 -31.96
N LYS C 158 -12.48 -13.58 -31.23
CA LYS C 158 -11.40 -14.38 -31.81
C LYS C 158 -11.88 -15.29 -32.94
N SER C 159 -13.10 -15.79 -32.82
CA SER C 159 -13.67 -16.70 -33.82
C SER C 159 -13.88 -16.02 -35.17
N ARG C 160 -14.39 -14.79 -35.12
CA ARG C 160 -14.63 -13.97 -36.33
C ARG C 160 -13.51 -14.08 -37.37
N SER C 173 5.32 -18.22 -30.16
CA SER C 173 3.86 -18.25 -30.06
C SER C 173 3.32 -19.52 -30.72
N ILE C 174 4.19 -20.16 -31.47
CA ILE C 174 3.85 -21.35 -32.24
C ILE C 174 3.93 -22.62 -31.39
N LEU C 175 4.73 -22.54 -30.34
CA LEU C 175 5.08 -23.70 -29.54
C LEU C 175 3.90 -24.36 -28.85
N TRP C 176 2.74 -23.70 -28.84
CA TRP C 176 1.58 -24.25 -28.12
C TRP C 176 0.44 -24.72 -29.03
N MET C 177 0.67 -24.59 -30.33
CA MET C 177 -0.34 -24.99 -31.32
C MET C 177 -0.33 -26.49 -31.62
N ALA C 178 -1.47 -27.13 -31.38
CA ALA C 178 -1.67 -28.51 -31.80
C ALA C 178 -1.52 -28.58 -33.31
N PRO C 179 -1.11 -29.74 -33.83
CA PRO C 179 -0.86 -29.99 -35.26
C PRO C 179 -1.99 -29.55 -36.18
N GLU C 180 -3.24 -29.91 -35.83
CA GLU C 180 -4.39 -29.56 -36.66
C GLU C 180 -4.68 -28.05 -36.65
N VAL C 181 -4.16 -27.36 -35.65
CA VAL C 181 -4.36 -25.92 -35.54
C VAL C 181 -3.38 -25.22 -36.48
N ILE C 182 -2.19 -25.80 -36.62
CA ILE C 182 -1.20 -25.27 -37.57
C ILE C 182 -1.61 -25.42 -39.05
N ARG C 183 -2.17 -26.58 -39.42
CA ARG C 183 -2.58 -26.85 -40.81
C ARG C 183 -4.02 -26.43 -41.10
N PRO C 189 -10.04 -24.29 -36.95
CA PRO C 189 -9.47 -25.53 -36.43
C PRO C 189 -9.36 -25.55 -34.90
N TYR C 190 -9.84 -24.51 -34.23
CA TYR C 190 -9.76 -24.43 -32.77
C TYR C 190 -10.86 -25.23 -32.10
N SER C 191 -10.49 -25.98 -31.07
CA SER C 191 -11.47 -26.76 -30.33
C SER C 191 -11.02 -26.94 -28.89
N PHE C 192 -11.88 -27.49 -28.03
CA PHE C 192 -11.43 -27.82 -26.69
C PHE C 192 -10.12 -28.59 -26.74
N GLN C 193 -10.02 -29.52 -27.68
CA GLN C 193 -8.90 -30.45 -27.76
C GLN C 193 -7.56 -29.79 -28.06
N SER C 194 -7.57 -28.72 -28.87
CA SER C 194 -6.35 -27.96 -29.16
C SER C 194 -5.89 -27.15 -27.91
N ASP C 195 -6.85 -26.81 -27.05
CA ASP C 195 -6.54 -26.23 -25.77
C ASP C 195 -5.78 -27.23 -24.92
N VAL C 196 -6.24 -28.48 -24.92
CA VAL C 196 -5.64 -29.57 -24.14
C VAL C 196 -4.21 -29.86 -24.59
N TYR C 197 -3.96 -29.77 -25.89
CA TYR C 197 -2.60 -29.91 -26.38
C TYR C 197 -1.73 -28.84 -25.71
N ALA C 198 -2.22 -27.60 -25.73
CA ALA C 198 -1.53 -26.44 -25.18
C ALA C 198 -1.22 -26.62 -23.69
N PHE C 199 -2.18 -27.16 -22.95
CA PHE C 199 -1.94 -27.45 -21.55
C PHE C 199 -0.84 -28.51 -21.43
N GLY C 200 -0.80 -29.42 -22.39
CA GLY C 200 0.23 -30.42 -22.45
C GLY C 200 1.61 -29.81 -22.63
N ILE C 201 1.70 -28.80 -23.49
CA ILE C 201 2.95 -28.10 -23.70
C ILE C 201 3.35 -27.35 -22.44
N VAL C 202 2.36 -26.89 -21.69
CA VAL C 202 2.61 -26.24 -20.40
C VAL C 202 3.07 -27.27 -19.37
N LEU C 203 2.53 -28.49 -19.44
CA LEU C 203 3.01 -29.56 -18.58
C LEU C 203 4.48 -29.86 -18.88
N TYR C 204 4.83 -29.80 -20.16
CA TYR C 204 6.20 -30.00 -20.57
C TYR C 204 7.11 -28.93 -19.97
N GLU C 205 6.67 -27.67 -20.04
CA GLU C 205 7.42 -26.56 -19.48
C GLU C 205 7.63 -26.76 -17.97
N LEU C 206 6.58 -27.20 -17.30
CA LEU C 206 6.63 -27.38 -15.85
C LEU C 206 7.58 -28.51 -15.45
N MET C 207 7.41 -29.65 -16.10
CA MET C 207 8.14 -30.84 -15.73
C MET C 207 9.56 -30.91 -16.34
N THR C 208 9.87 -30.05 -17.31
CA THR C 208 11.24 -30.01 -17.86
C THR C 208 11.93 -28.67 -17.61
N GLY C 209 11.18 -27.66 -17.17
CA GLY C 209 11.79 -26.37 -16.90
C GLY C 209 12.34 -25.74 -18.16
N GLN C 210 11.99 -26.32 -19.31
CA GLN C 210 12.47 -25.83 -20.59
C GLN C 210 11.29 -25.66 -21.55
N LEU C 211 11.45 -24.79 -22.55
CA LEU C 211 10.53 -24.78 -23.68
C LEU C 211 10.88 -25.99 -24.54
N PRO C 212 9.88 -26.60 -25.18
CA PRO C 212 10.18 -27.73 -26.06
C PRO C 212 10.93 -27.23 -27.31
N TYR C 213 11.68 -28.11 -27.96
CA TYR C 213 12.41 -27.78 -29.17
C TYR C 213 13.53 -26.77 -28.85
N SER C 214 14.05 -26.88 -27.63
CA SER C 214 15.08 -25.95 -27.14
C SER C 214 16.35 -26.03 -27.96
N ILE C 216 16.52 -26.68 -32.25
CA ILE C 216 16.06 -26.29 -33.59
C ILE C 216 15.73 -24.79 -33.65
N ASN C 217 16.33 -24.08 -34.61
CA ASN C 217 16.18 -22.63 -34.74
C ASN C 217 15.12 -22.14 -35.75
N ASN C 218 14.58 -23.05 -36.55
CA ASN C 218 13.66 -22.67 -37.63
C ASN C 218 12.21 -23.06 -37.34
N ILE C 222 10.44 -25.87 -38.02
CA ILE C 222 9.29 -26.43 -37.30
C ILE C 222 8.07 -26.16 -38.16
N ILE C 223 6.93 -25.97 -37.49
CA ILE C 223 5.64 -25.74 -38.14
C ILE C 223 5.34 -26.87 -39.13
N GLU C 224 6.30 -27.14 -40.01
CA GLU C 224 6.20 -28.19 -41.00
C GLU C 224 6.24 -29.53 -40.28
N MET C 225 7.27 -29.69 -39.46
CA MET C 225 7.52 -30.98 -38.81
C MET C 225 6.48 -31.26 -37.75
N VAL C 226 6.04 -30.21 -37.07
CA VAL C 226 4.99 -30.34 -36.08
C VAL C 226 3.62 -30.50 -36.74
N GLY C 227 3.41 -29.78 -37.84
CA GLY C 227 2.16 -29.87 -38.58
C GLY C 227 1.93 -31.25 -39.18
N ARG C 228 3.04 -31.90 -39.56
CA ARG C 228 3.01 -33.23 -40.16
C ARG C 228 3.27 -34.35 -39.15
N GLY C 229 3.72 -33.99 -37.96
CA GLY C 229 4.01 -34.99 -36.94
C GLY C 229 5.41 -35.57 -37.13
N SER C 232 7.46 -33.56 -32.49
CA SER C 232 6.93 -33.43 -31.11
C SER C 232 7.98 -33.43 -29.96
N PRO C 233 7.58 -32.93 -28.77
CA PRO C 233 8.49 -32.69 -27.64
C PRO C 233 9.12 -33.95 -27.00
N ASP C 234 10.42 -33.85 -26.71
CA ASP C 234 11.21 -34.92 -26.09
C ASP C 234 10.95 -35.07 -24.59
N LEU C 235 10.08 -36.02 -24.24
CA LEU C 235 9.63 -36.21 -22.86
C LEU C 235 10.68 -36.77 -21.89
N SER C 236 11.92 -36.87 -22.34
CA SER C 236 12.97 -37.42 -21.49
C SER C 236 13.65 -36.29 -20.70
N LYS C 237 13.30 -35.05 -21.02
CA LYS C 237 13.95 -33.91 -20.38
C LYS C 237 13.27 -33.53 -19.08
N VAL C 238 12.31 -34.35 -18.67
CA VAL C 238 11.58 -34.09 -17.44
C VAL C 238 12.40 -34.49 -16.22
N ARG C 239 12.24 -33.76 -15.13
CA ARG C 239 13.00 -34.00 -13.90
C ARG C 239 12.88 -35.46 -13.48
N SER C 240 13.91 -35.96 -12.80
CA SER C 240 13.97 -37.36 -12.42
C SER C 240 12.77 -37.72 -11.56
N ASN C 241 12.44 -36.80 -10.65
CA ASN C 241 11.36 -37.02 -9.71
C ASN C 241 9.98 -36.69 -10.28
N CYS C 242 9.92 -36.47 -11.59
CA CYS C 242 8.63 -36.33 -12.29
C CYS C 242 7.90 -37.66 -12.30
N PRO C 243 6.75 -37.74 -11.61
CA PRO C 243 6.00 -38.99 -11.41
C PRO C 243 5.56 -39.63 -12.73
N LYS C 244 5.44 -40.96 -12.75
CA LYS C 244 5.09 -41.64 -13.98
C LYS C 244 3.71 -41.20 -14.49
N ARG C 245 2.78 -40.95 -13.57
CA ARG C 245 1.42 -40.54 -13.96
C ARG C 245 1.41 -39.19 -14.64
N MET C 246 2.28 -38.29 -14.20
CA MET C 246 2.39 -36.98 -14.83
C MET C 246 2.99 -37.10 -16.21
N LYS C 247 3.91 -38.03 -16.39
CA LYS C 247 4.53 -38.26 -17.68
C LYS C 247 3.53 -38.78 -18.71
N ARG C 248 2.71 -39.75 -18.30
CA ARG C 248 1.70 -40.35 -19.18
C ARG C 248 0.65 -39.32 -19.57
N LEU C 249 0.13 -38.64 -18.57
CA LEU C 249 -0.91 -37.63 -18.72
C LEU C 249 -0.45 -36.61 -19.77
N MET C 250 0.81 -36.21 -19.66
CA MET C 250 1.40 -35.23 -20.56
C MET C 250 1.39 -35.70 -22.02
N ALA C 251 1.75 -36.96 -22.22
CA ALA C 251 1.82 -37.56 -23.55
C ALA C 251 0.44 -37.71 -24.16
N GLU C 252 -0.55 -38.01 -23.31
CA GLU C 252 -1.92 -38.07 -23.78
C GLU C 252 -2.37 -36.72 -24.37
N CYS C 253 -2.06 -35.65 -23.65
CA CYS C 253 -2.44 -34.30 -24.04
C CYS C 253 -1.76 -33.90 -25.32
N LEU C 254 -0.56 -34.44 -25.55
CA LEU C 254 0.25 -34.07 -26.70
C LEU C 254 0.05 -34.91 -27.95
N LYS C 255 -0.97 -35.78 -27.94
CA LYS C 255 -1.25 -36.65 -29.09
C LYS C 255 -1.56 -35.85 -30.35
N LYS C 256 -0.98 -36.27 -31.47
CA LYS C 256 -1.14 -35.56 -32.74
C LYS C 256 -2.59 -35.65 -33.28
N LYS C 257 -3.26 -36.78 -33.03
CA LYS C 257 -4.67 -36.94 -33.44
C LYS C 257 -5.60 -36.42 -32.35
N ARG C 258 -6.26 -35.29 -32.64
CA ARG C 258 -6.95 -34.51 -31.61
C ARG C 258 -8.06 -35.25 -30.87
N ASP C 259 -8.81 -36.09 -31.57
CA ASP C 259 -9.94 -36.79 -30.94
C ASP C 259 -9.43 -37.82 -29.93
N GLU C 260 -8.11 -38.00 -29.92
CA GLU C 260 -7.47 -38.95 -29.02
C GLU C 260 -7.01 -38.26 -27.72
N ARG C 261 -7.22 -36.95 -27.63
CA ARG C 261 -6.84 -36.21 -26.43
C ARG C 261 -7.95 -36.28 -25.39
N PRO C 262 -7.56 -36.32 -24.11
CA PRO C 262 -8.50 -36.33 -22.98
C PRO C 262 -9.17 -34.97 -22.71
N SER C 263 -10.25 -34.99 -21.95
CA SER C 263 -10.96 -33.76 -21.58
C SER C 263 -10.39 -33.27 -20.25
N PHE C 264 -10.71 -32.04 -19.87
CA PHE C 264 -10.19 -31.45 -18.63
C PHE C 264 -10.83 -32.00 -17.35
N PRO C 265 -12.09 -32.45 -17.42
CA PRO C 265 -12.54 -33.08 -16.17
C PRO C 265 -11.67 -34.29 -15.83
N ARG C 266 -11.25 -35.02 -16.87
CA ARG C 266 -10.34 -36.15 -16.73
C ARG C 266 -8.94 -35.72 -16.32
N ILE C 267 -8.41 -34.70 -17.02
CA ILE C 267 -7.08 -34.16 -16.77
C ILE C 267 -6.94 -33.64 -15.33
N LEU C 268 -7.94 -32.90 -14.87
CA LEU C 268 -7.99 -32.43 -13.49
C LEU C 268 -8.08 -33.62 -12.56
N ALA C 269 -8.88 -34.61 -12.94
CA ALA C 269 -9.02 -35.82 -12.13
C ALA C 269 -7.67 -36.48 -11.91
N GLU C 270 -6.94 -36.66 -13.01
CA GLU C 270 -5.64 -37.31 -12.98
C GLU C 270 -4.63 -36.57 -12.15
N ILE C 271 -4.58 -35.25 -12.28
CA ILE C 271 -3.62 -34.45 -11.51
C ILE C 271 -4.03 -34.38 -10.05
N GLU C 272 -5.32 -34.35 -9.78
CA GLU C 272 -5.78 -34.35 -8.40
C GLU C 272 -5.23 -35.57 -7.68
N GLU C 273 -5.28 -36.70 -8.37
CA GLU C 273 -4.94 -37.98 -7.75
C GLU C 273 -3.42 -38.15 -7.60
N LEU C 274 -2.67 -37.81 -8.65
CA LEU C 274 -1.22 -37.95 -8.58
C LEU C 274 -0.62 -36.98 -7.55
N ALA C 275 -1.37 -35.92 -7.24
CA ALA C 275 -1.04 -35.01 -6.14
C ALA C 275 -1.30 -35.64 -4.76
N ARG C 276 -2.14 -36.68 -4.74
CA ARG C 276 -2.43 -37.44 -3.54
C ARG C 276 -1.42 -38.59 -3.31
N GLU D 3 29.08 -10.36 14.82
CA GLU D 3 29.36 -9.01 15.32
C GLU D 3 28.26 -8.04 14.88
N PHE D 4 27.45 -7.63 15.85
CA PHE D 4 26.26 -6.81 15.63
C PHE D 4 26.45 -5.47 14.92
N ASP D 5 25.60 -5.24 13.92
CA ASP D 5 25.68 -4.06 13.09
C ASP D 5 24.32 -3.40 12.86
N ASP D 6 24.27 -2.08 13.10
CA ASP D 6 23.08 -1.25 12.84
C ASP D 6 22.37 -1.44 11.53
N TRP D 7 23.18 -1.57 10.49
CA TRP D 7 22.74 -1.43 9.13
C TRP D 7 22.53 -2.77 8.45
N GLU D 8 22.83 -3.85 9.16
CA GLU D 8 22.55 -5.20 8.67
C GLU D 8 21.11 -5.66 8.91
N ILE D 9 20.53 -6.23 7.86
CA ILE D 9 19.21 -6.83 7.98
C ILE D 9 19.28 -8.35 8.24
N PRO D 10 18.72 -8.80 9.36
CA PRO D 10 18.68 -10.23 9.67
C PRO D 10 17.99 -11.00 8.55
N ASP D 11 18.44 -12.23 8.31
CA ASP D 11 18.06 -12.97 7.10
C ASP D 11 16.57 -13.22 6.85
N GLY D 12 15.74 -13.29 7.88
CA GLY D 12 14.31 -13.52 7.63
C GLY D 12 13.46 -12.26 7.58
N GLN D 13 14.12 -11.10 7.52
CA GLN D 13 13.47 -9.80 7.64
C GLN D 13 13.13 -9.10 6.34
N ILE D 14 13.55 -9.69 5.22
CA ILE D 14 13.24 -9.20 3.87
C ILE D 14 12.56 -10.23 2.99
N THR D 15 11.43 -9.90 2.38
CA THR D 15 10.84 -10.80 1.39
C THR D 15 11.27 -10.43 -0.05
N VAL D 16 11.94 -11.34 -0.74
CA VAL D 16 12.34 -11.08 -2.11
C VAL D 16 11.20 -11.40 -3.08
N GLY D 17 10.90 -10.44 -3.96
CA GLY D 17 9.83 -10.60 -4.93
C GLY D 17 10.32 -10.86 -6.35
N GLN D 18 9.74 -10.16 -7.31
CA GLN D 18 10.01 -10.45 -8.71
C GLN D 18 11.51 -10.23 -9.02
N ARG D 19 12.15 -11.14 -9.76
CA ARG D 19 13.50 -10.84 -10.25
C ARG D 19 13.37 -9.78 -11.35
N ILE D 20 14.27 -8.79 -11.37
CA ILE D 20 14.13 -7.69 -12.33
C ILE D 20 15.13 -7.72 -13.48
N GLY D 21 16.39 -8.02 -13.18
CA GLY D 21 17.42 -8.10 -14.18
C GLY D 21 18.77 -8.06 -13.51
N SER D 22 19.85 -8.11 -14.29
CA SER D 22 21.17 -8.05 -13.65
C SER D 22 21.88 -6.72 -13.93
N GLY D 23 22.09 -5.95 -12.86
CA GLY D 23 22.86 -4.74 -12.93
C GLY D 23 24.24 -4.89 -12.33
N SER D 24 24.89 -3.75 -12.11
CA SER D 24 26.27 -3.72 -11.63
C SER D 24 26.47 -4.68 -10.47
N PHE D 25 27.50 -5.53 -10.61
CA PHE D 25 27.94 -6.44 -9.56
C PHE D 25 26.95 -7.56 -9.14
N GLY D 26 25.75 -7.59 -9.70
CA GLY D 26 24.80 -8.63 -9.31
C GLY D 26 23.43 -8.66 -9.97
N THR D 27 22.48 -9.20 -9.23
CA THR D 27 21.11 -9.40 -9.70
C THR D 27 20.12 -8.64 -8.83
N VAL D 28 19.29 -7.80 -9.47
CA VAL D 28 18.34 -6.93 -8.80
C VAL D 28 16.97 -7.56 -8.72
N TYR D 29 16.40 -7.61 -7.52
CA TYR D 29 15.05 -8.12 -7.33
C TYR D 29 14.15 -7.04 -6.70
N LYS D 30 12.84 -7.12 -6.93
CA LYS D 30 11.93 -6.33 -6.12
C LYS D 30 11.76 -7.02 -4.77
N GLY D 31 11.56 -6.23 -3.70
CA GLY D 31 11.52 -6.79 -2.37
C GLY D 31 10.70 -5.94 -1.41
N LYS D 32 10.43 -6.50 -0.24
CA LYS D 32 9.68 -5.79 0.78
C LYS D 32 10.42 -5.80 2.11
N TRP D 33 10.76 -4.60 2.58
CA TRP D 33 11.31 -4.36 3.91
C TRP D 33 10.55 -3.20 4.55
N HIS D 34 9.41 -3.49 5.18
CA HIS D 34 8.58 -2.45 5.77
C HIS D 34 8.02 -1.57 4.68
N GLY D 35 7.96 -2.12 3.48
CA GLY D 35 7.52 -1.35 2.32
C GLY D 35 8.22 -1.91 1.12
N ASP D 36 7.99 -1.30 -0.04
CA ASP D 36 8.70 -1.68 -1.26
C ASP D 36 10.18 -1.25 -1.20
N VAL D 37 11.05 -2.17 -1.60
CA VAL D 37 12.46 -1.87 -1.76
C VAL D 37 13.02 -2.57 -2.98
N ALA D 38 14.24 -2.21 -3.32
CA ALA D 38 14.98 -2.91 -4.35
C ALA D 38 16.11 -3.70 -3.68
N VAL D 39 16.36 -4.89 -4.18
CA VAL D 39 17.36 -5.73 -3.57
C VAL D 39 18.34 -6.20 -4.64
N LYS D 40 19.61 -5.85 -4.49
CA LYS D 40 20.66 -6.33 -5.37
C LYS D 40 21.50 -7.43 -4.73
N MET D 41 21.30 -8.65 -5.21
CA MET D 41 22.14 -9.79 -4.85
C MET D 41 23.53 -9.65 -5.45
N LEU D 42 24.55 -9.66 -4.61
CA LEU D 42 25.92 -9.65 -5.10
C LEU D 42 26.27 -11.10 -5.44
N ASN D 43 27.18 -11.28 -6.39
CA ASN D 43 27.59 -12.61 -6.85
C ASN D 43 28.66 -13.24 -5.97
N VAL D 44 28.32 -13.50 -4.72
CA VAL D 44 29.31 -14.03 -3.79
C VAL D 44 28.63 -14.86 -2.69
N PRO D 47 31.88 -15.93 0.85
CA PRO D 47 32.68 -14.70 0.99
C PRO D 47 33.75 -14.84 2.07
N THR D 48 34.96 -14.38 1.77
CA THR D 48 36.09 -14.38 2.71
C THR D 48 36.11 -13.14 3.61
N PRO D 49 36.08 -13.33 4.94
CA PRO D 49 36.04 -12.28 5.97
C PRO D 49 36.93 -11.07 5.64
N GLN D 50 37.93 -11.28 4.77
CA GLN D 50 38.75 -10.18 4.26
C GLN D 50 37.93 -9.37 3.23
N GLN D 51 37.28 -10.06 2.30
CA GLN D 51 36.37 -9.41 1.37
C GLN D 51 35.15 -8.88 2.10
N LEU D 52 34.75 -9.59 3.15
CA LEU D 52 33.58 -9.21 3.92
C LEU D 52 33.85 -7.84 4.54
N GLN D 53 35.07 -7.66 5.03
CA GLN D 53 35.45 -6.37 5.61
C GLN D 53 35.49 -5.29 4.52
N ALA D 54 35.95 -5.68 3.33
CA ALA D 54 35.97 -4.75 2.19
C ALA D 54 34.53 -4.36 1.81
N PHE D 55 33.61 -5.28 1.98
CA PHE D 55 32.21 -4.97 1.72
C PHE D 55 31.67 -3.97 2.77
N LYS D 56 32.03 -4.19 4.04
CA LYS D 56 31.66 -3.29 5.13
C LYS D 56 32.18 -1.86 4.91
N ASN D 57 33.40 -1.75 4.41
CA ASN D 57 34.00 -0.44 4.15
C ASN D 57 33.20 0.33 3.12
N GLU D 58 32.79 -0.39 2.10
CA GLU D 58 31.95 0.16 1.05
C GLU D 58 30.60 0.56 1.61
N VAL D 59 30.07 -0.27 2.50
CA VAL D 59 28.83 0.07 3.16
C VAL D 59 28.94 1.43 3.87
N GLY D 60 30.09 1.65 4.53
CA GLY D 60 30.38 2.91 5.23
C GLY D 60 30.36 4.13 4.32
N VAL D 61 30.99 3.98 3.17
CA VAL D 61 30.99 5.01 2.14
C VAL D 61 29.59 5.29 1.63
N LEU D 62 28.81 4.22 1.40
CA LEU D 62 27.46 4.32 0.88
C LEU D 62 26.50 5.10 1.77
N ARG D 63 26.66 5.03 3.09
CA ARG D 63 25.74 5.78 3.93
C ARG D 63 26.01 7.29 3.83
N LYS D 64 27.14 7.67 3.28
CA LYS D 64 27.49 9.07 3.33
C LYS D 64 27.15 9.79 2.03
N THR D 65 26.87 9.03 0.97
CA THR D 65 26.51 9.68 -0.29
C THR D 65 24.99 9.78 -0.37
N ARG D 66 24.51 10.98 -0.07
CA ARG D 66 23.09 11.22 -0.01
C ARG D 66 22.72 12.45 -0.80
N HIS D 67 21.82 12.25 -1.75
CA HIS D 67 21.33 13.33 -2.57
C HIS D 67 19.97 12.95 -3.09
N VAL D 68 19.12 13.93 -3.31
CA VAL D 68 17.78 13.63 -3.76
C VAL D 68 17.78 12.88 -5.09
N ASN D 69 18.84 13.04 -5.88
CA ASN D 69 18.86 12.42 -7.19
C ASN D 69 19.79 11.21 -7.33
N ILE D 70 20.20 10.62 -6.21
CA ILE D 70 20.84 9.34 -6.27
C ILE D 70 20.13 8.44 -5.27
N LEU D 71 20.13 7.14 -5.53
CA LEU D 71 19.47 6.17 -4.66
C LEU D 71 20.01 6.17 -3.22
N LEU D 72 19.10 6.08 -2.24
CA LEU D 72 19.44 5.95 -0.83
C LEU D 72 19.77 4.54 -0.42
N PHE D 73 20.90 4.36 0.25
CA PHE D 73 21.29 3.05 0.78
C PHE D 73 20.53 2.75 2.08
N MET D 74 19.89 1.59 2.15
CA MET D 74 19.02 1.32 3.28
C MET D 74 19.49 0.27 4.23
N GLY D 75 20.38 -0.61 3.80
CA GLY D 75 20.89 -1.65 4.66
C GLY D 75 21.51 -2.73 3.81
N TYR D 76 22.04 -3.76 4.44
CA TYR D 76 22.63 -4.85 3.68
C TYR D 76 22.42 -6.20 4.38
N SER D 77 22.56 -7.26 3.59
CA SER D 77 22.54 -8.63 4.10
C SER D 77 23.87 -9.31 3.95
N THR D 78 24.07 -10.33 4.75
CA THR D 78 25.23 -11.19 4.61
C THR D 78 24.67 -12.60 4.41
N LYS D 79 23.51 -12.83 5.03
CA LYS D 79 22.79 -14.10 4.91
C LYS D 79 21.33 -13.87 4.50
N PRO D 80 20.81 -14.70 3.59
CA PRO D 80 21.53 -15.83 3.01
C PRO D 80 22.57 -15.41 1.98
N GLN D 81 22.62 -14.13 1.62
CA GLN D 81 23.61 -13.70 0.62
C GLN D 81 23.93 -12.19 0.72
N LEU D 82 25.11 -11.79 0.21
CA LEU D 82 25.48 -10.39 0.20
C LEU D 82 24.51 -9.61 -0.64
N ALA D 83 23.93 -8.57 -0.06
CA ALA D 83 22.94 -7.78 -0.79
C ALA D 83 22.94 -6.32 -0.35
N ILE D 84 22.68 -5.46 -1.31
CA ILE D 84 22.48 -4.04 -1.08
C ILE D 84 21.00 -3.71 -1.22
N VAL D 85 20.41 -3.05 -0.23
CA VAL D 85 19.00 -2.65 -0.27
C VAL D 85 18.90 -1.16 -0.44
N THR D 86 18.15 -0.75 -1.46
CA THR D 86 17.88 0.67 -1.72
C THR D 86 16.38 0.85 -1.87
N GLN D 87 15.95 2.07 -2.13
CA GLN D 87 14.53 2.33 -2.32
C GLN D 87 14.07 1.79 -3.70
N TRP D 88 12.76 1.53 -3.84
CA TRP D 88 12.18 1.04 -5.10
C TRP D 88 11.70 2.15 -5.99
N CYS D 89 12.05 2.08 -7.25
CA CYS D 89 11.58 3.09 -8.20
C CYS D 89 10.55 2.49 -9.15
N GLU D 90 9.28 2.76 -8.84
CA GLU D 90 8.14 2.19 -9.54
C GLU D 90 8.10 2.53 -11.04
N GLY D 91 8.72 3.65 -11.40
CA GLY D 91 8.84 4.09 -12.78
C GLY D 91 9.93 3.37 -13.55
N SER D 92 10.57 2.40 -12.91
CA SER D 92 11.68 1.62 -13.46
C SER D 92 12.79 2.50 -14.07
N SER D 93 13.52 1.98 -15.04
CA SER D 93 14.69 2.71 -15.56
C SER D 93 14.42 3.59 -16.77
N LEU D 94 15.34 4.48 -17.08
CA LEU D 94 15.21 5.28 -18.27
C LEU D 94 15.28 4.41 -19.50
N TYR D 95 16.27 3.52 -19.50
CA TYR D 95 16.48 2.58 -20.60
C TYR D 95 15.20 1.82 -20.89
N HIS D 96 14.56 1.29 -19.86
CA HIS D 96 13.34 0.54 -20.07
C HIS D 96 12.26 1.38 -20.75
N HIS D 97 12.15 2.64 -20.38
CA HIS D 97 11.13 3.49 -20.98
C HIS D 97 11.43 3.79 -22.44
N LEU D 98 12.70 3.99 -22.76
CA LEU D 98 13.06 4.42 -24.10
C LEU D 98 13.10 3.26 -25.08
N HIS D 99 13.70 2.15 -24.69
CA HIS D 99 14.05 1.15 -25.68
C HIS D 99 13.26 -0.14 -25.50
N ALA D 100 12.47 -0.22 -24.45
CA ALA D 100 11.70 -1.43 -24.22
C ALA D 100 10.21 -1.17 -24.35
N SER D 101 9.63 -0.45 -23.40
CA SER D 101 8.20 -0.23 -23.44
C SER D 101 7.93 0.97 -24.34
N GLU D 102 9.02 1.55 -24.84
CA GLU D 102 8.98 2.67 -25.79
C GLU D 102 7.98 3.76 -25.42
N THR D 103 8.02 4.18 -24.15
CA THR D 103 7.25 5.35 -23.71
C THR D 103 7.73 6.62 -24.43
N LYS D 104 6.79 7.50 -24.75
CA LYS D 104 7.08 8.76 -25.44
C LYS D 104 6.93 9.97 -24.53
N PHE D 105 8.06 10.57 -24.16
CA PHE D 105 8.06 11.74 -23.27
C PHE D 105 7.99 13.08 -24.04
N GLU D 106 7.34 14.07 -23.44
CA GLU D 106 7.40 15.42 -23.96
C GLU D 106 8.79 16.00 -23.72
N MET D 107 9.15 17.02 -24.50
CA MET D 107 10.48 17.64 -24.43
C MET D 107 10.72 18.29 -23.07
N LYS D 108 9.67 18.73 -22.39
CA LYS D 108 9.87 19.36 -21.11
C LYS D 108 10.37 18.32 -20.10
N LYS D 109 9.84 17.12 -20.22
CA LYS D 109 10.18 16.02 -19.32
C LYS D 109 11.52 15.40 -19.65
N LEU D 110 11.85 15.31 -20.94
CA LEU D 110 13.09 14.71 -21.35
C LEU D 110 14.20 15.53 -20.74
N ILE D 111 13.95 16.84 -20.70
CA ILE D 111 14.91 17.82 -20.19
C ILE D 111 14.95 17.92 -18.65
N ASP D 112 13.85 17.64 -17.99
CA ASP D 112 13.84 17.56 -16.54
C ASP D 112 14.65 16.34 -16.07
N ILE D 113 14.53 15.24 -16.81
CA ILE D 113 15.28 14.04 -16.53
C ILE D 113 16.79 14.26 -16.67
N ALA D 114 17.17 14.95 -17.73
CA ALA D 114 18.57 15.26 -17.97
C ALA D 114 19.05 16.18 -16.87
N ARG D 115 18.17 17.10 -16.49
CA ARG D 115 18.50 18.06 -15.46
C ARG D 115 18.72 17.37 -14.11
N GLN D 116 17.79 16.51 -13.73
CA GLN D 116 17.91 15.80 -12.46
C GLN D 116 19.12 14.85 -12.46
N THR D 117 19.35 14.21 -13.60
CA THR D 117 20.49 13.31 -13.73
C THR D 117 21.81 14.09 -13.62
N ALA D 118 21.82 15.32 -14.12
CA ALA D 118 23.03 16.15 -14.05
C ALA D 118 23.28 16.58 -12.61
N ARG D 119 22.21 16.84 -11.88
CA ARG D 119 22.32 17.16 -10.45
C ARG D 119 22.90 15.98 -9.67
N GLY D 120 22.49 14.77 -10.05
CA GLY D 120 22.97 13.57 -9.39
C GLY D 120 24.45 13.40 -9.67
N MET D 121 24.82 13.59 -10.93
CA MET D 121 26.21 13.50 -11.29
C MET D 121 27.03 14.64 -10.68
N ASP D 122 26.44 15.84 -10.60
CA ASP D 122 27.17 16.97 -10.03
C ASP D 122 27.52 16.67 -8.57
N TYR D 123 26.56 16.13 -7.84
CA TYR D 123 26.79 15.75 -6.45
C TYR D 123 27.92 14.71 -6.32
N LEU D 124 27.87 13.64 -7.11
CA LEU D 124 28.89 12.61 -7.03
C LEU D 124 30.27 13.20 -7.28
N HIS D 125 30.38 14.05 -8.29
CA HIS D 125 31.64 14.61 -8.66
C HIS D 125 32.10 15.63 -7.61
N ALA D 126 31.15 16.33 -6.99
CA ALA D 126 31.53 17.25 -5.93
C ALA D 126 32.10 16.50 -4.70
N LYS D 127 31.72 15.24 -4.57
CA LYS D 127 32.22 14.34 -3.53
C LYS D 127 33.36 13.49 -4.09
N SER D 128 33.84 13.88 -5.28
CA SER D 128 34.98 13.21 -5.91
C SER D 128 34.73 11.77 -6.36
N ILE D 129 33.48 11.33 -6.40
CA ILE D 129 33.13 9.96 -6.83
C ILE D 129 33.00 9.83 -8.33
N ILE D 130 33.63 8.81 -8.90
CA ILE D 130 33.49 8.50 -10.31
C ILE D 130 32.51 7.36 -10.44
N HIS D 131 31.49 7.54 -11.27
CA HIS D 131 30.46 6.54 -11.44
C HIS D 131 31.03 5.31 -12.13
N ARG D 132 31.57 5.53 -13.33
CA ARG D 132 32.24 4.51 -14.14
C ARG D 132 31.28 3.69 -14.97
N ASP D 133 29.98 3.82 -14.72
CA ASP D 133 29.01 2.95 -15.38
C ASP D 133 27.65 3.63 -15.61
N LEU D 134 27.68 4.92 -15.82
CA LEU D 134 26.47 5.68 -16.09
C LEU D 134 25.86 5.32 -17.45
N LYS D 135 24.61 4.91 -17.45
CA LYS D 135 23.87 4.64 -18.67
C LYS D 135 22.39 4.63 -18.32
N SER D 136 21.50 4.64 -19.31
CA SER D 136 20.07 4.72 -19.01
C SER D 136 19.56 3.51 -18.21
N ASN D 137 20.31 2.43 -18.19
CA ASN D 137 19.95 1.24 -17.40
C ASN D 137 19.92 1.49 -15.88
N ASN D 138 20.78 2.37 -15.41
CA ASN D 138 20.83 2.68 -13.99
C ASN D 138 20.58 4.16 -13.68
N ILE D 139 19.77 4.80 -14.53
CA ILE D 139 19.07 6.02 -14.18
C ILE D 139 17.61 5.65 -13.95
N PHE D 140 17.16 5.68 -12.69
CA PHE D 140 15.84 5.17 -12.37
C PHE D 140 14.85 6.31 -12.10
N LEU D 141 13.58 6.03 -12.34
CA LEU D 141 12.51 7.02 -12.20
C LEU D 141 11.62 6.65 -11.05
N HIS D 142 11.58 7.53 -10.07
CA HIS D 142 10.81 7.23 -8.87
C HIS D 142 9.35 7.67 -9.06
N GLU D 143 8.45 6.99 -8.35
CA GLU D 143 7.04 7.34 -8.35
C GLU D 143 6.77 8.84 -8.15
N ASP D 144 7.50 9.48 -7.24
CA ASP D 144 7.23 10.90 -7.00
C ASP D 144 7.84 11.75 -8.11
N ASN D 145 8.32 11.08 -9.14
CA ASN D 145 8.83 11.72 -10.35
C ASN D 145 10.24 12.34 -10.26
N THR D 146 11.03 11.98 -9.24
CA THR D 146 12.42 12.39 -9.28
C THR D 146 13.24 11.25 -9.87
N VAL D 147 14.37 11.63 -10.48
CA VAL D 147 15.32 10.68 -11.03
C VAL D 147 16.28 10.21 -9.93
N LYS D 148 16.59 8.91 -9.92
CA LYS D 148 17.54 8.36 -8.97
C LYS D 148 18.64 7.63 -9.69
N ILE D 149 19.88 8.05 -9.49
CA ILE D 149 20.99 7.32 -10.04
C ILE D 149 21.39 6.15 -9.13
N GLY D 150 21.75 5.02 -9.75
CA GLY D 150 22.25 3.83 -9.08
C GLY D 150 23.46 3.24 -9.78
N ASP D 151 23.91 2.10 -9.29
CA ASP D 151 25.10 1.39 -9.79
C ASP D 151 26.42 2.16 -9.67
N PHE D 152 26.50 3.11 -8.76
CA PHE D 152 27.78 3.74 -8.51
C PHE D 152 28.49 3.11 -7.32
N GLY D 153 27.77 2.32 -6.55
CA GLY D 153 28.36 1.68 -5.37
C GLY D 153 29.32 0.57 -5.75
N LEU D 154 30.19 0.22 -4.81
CA LEU D 154 31.26 -0.75 -5.03
C LEU D 154 32.26 -0.10 -5.98
N ALA D 155 32.40 1.22 -5.82
CA ALA D 155 33.28 2.04 -6.65
C ALA D 155 34.73 1.57 -6.62
N THR D 156 35.29 1.49 -5.42
CA THR D 156 36.70 1.11 -5.29
C THR D 156 36.87 -0.28 -5.87
N GLU D 157 36.01 -1.20 -5.45
CA GLU D 157 36.04 -2.57 -5.97
C GLU D 157 35.66 -2.54 -7.45
N SER D 173 27.31 -2.41 -21.84
CA SER D 173 27.97 -1.23 -21.29
C SER D 173 28.80 -0.49 -22.33
N ILE D 174 28.87 -1.03 -23.55
CA ILE D 174 29.78 -0.50 -24.56
C ILE D 174 29.31 0.83 -25.20
N LEU D 175 28.00 1.00 -25.33
CA LEU D 175 27.47 2.17 -26.04
C LEU D 175 27.73 3.50 -25.32
N TRP D 176 28.12 3.44 -24.05
CA TRP D 176 28.29 4.62 -23.23
C TRP D 176 29.75 4.86 -22.92
N MET D 177 30.61 4.04 -23.51
CA MET D 177 32.04 4.10 -23.23
C MET D 177 32.81 5.20 -23.97
N ALA D 178 33.44 6.08 -23.21
CA ALA D 178 34.31 7.09 -23.79
C ALA D 178 35.43 6.42 -24.58
N PRO D 179 35.88 7.07 -25.66
CA PRO D 179 36.97 6.60 -26.52
C PRO D 179 38.25 6.25 -25.75
N GLU D 180 38.67 7.10 -24.82
CA GLU D 180 39.88 6.82 -24.06
C GLU D 180 39.66 5.65 -23.11
N VAL D 181 38.40 5.29 -22.88
CA VAL D 181 38.11 4.16 -22.01
C VAL D 181 38.16 2.83 -22.76
N ILE D 182 37.71 2.79 -24.01
CA ILE D 182 37.85 1.57 -24.79
C ILE D 182 39.36 1.32 -25.03
N ARG D 183 40.09 2.40 -25.25
CA ARG D 183 41.54 2.33 -25.48
C ARG D 183 42.30 2.43 -24.15
N ASN D 188 42.90 1.90 -15.09
CA ASN D 188 41.86 2.77 -14.54
C ASN D 188 41.69 4.07 -15.35
N PRO D 189 41.21 3.95 -16.60
CA PRO D 189 41.09 5.09 -17.52
C PRO D 189 39.85 5.92 -17.24
N TYR D 190 39.18 5.59 -16.15
CA TYR D 190 37.95 6.23 -15.76
C TYR D 190 38.26 7.56 -15.08
N SER D 191 37.50 8.58 -15.46
CA SER D 191 37.69 9.91 -14.89
C SER D 191 36.39 10.66 -14.92
N PHE D 192 36.37 11.78 -14.22
CA PHE D 192 35.24 12.68 -14.27
C PHE D 192 34.86 12.90 -15.73
N GLN D 193 35.87 13.11 -16.57
CA GLN D 193 35.66 13.41 -17.97
C GLN D 193 35.10 12.19 -18.72
N SER D 194 35.45 10.99 -18.30
CA SER D 194 34.84 9.81 -18.92
C SER D 194 33.38 9.63 -18.43
N ASP D 195 33.11 10.07 -17.21
CA ASP D 195 31.76 10.18 -16.70
C ASP D 195 30.95 11.13 -17.55
N VAL D 196 31.55 12.26 -17.90
CA VAL D 196 30.85 13.23 -18.73
C VAL D 196 30.45 12.66 -20.11
N TYR D 197 31.31 11.85 -20.73
CA TYR D 197 30.96 11.21 -22.00
C TYR D 197 29.72 10.33 -21.92
N ALA D 198 29.67 9.47 -20.91
CA ALA D 198 28.55 8.54 -20.77
C ALA D 198 27.27 9.33 -20.70
N PHE D 199 27.32 10.45 -19.97
CA PHE D 199 26.16 11.30 -19.86
C PHE D 199 25.75 11.89 -21.21
N GLY D 200 26.76 12.19 -22.05
CA GLY D 200 26.51 12.66 -23.40
C GLY D 200 25.71 11.62 -24.18
N ILE D 201 26.05 10.34 -24.02
CA ILE D 201 25.26 9.32 -24.70
C ILE D 201 23.85 9.28 -24.11
N VAL D 202 23.70 9.64 -22.83
CA VAL D 202 22.35 9.66 -22.23
C VAL D 202 21.52 10.79 -22.80
N LEU D 203 22.18 11.91 -23.06
CA LEU D 203 21.50 13.01 -23.72
C LEU D 203 21.03 12.52 -25.07
N TYR D 204 21.91 11.79 -25.74
CA TYR D 204 21.59 11.26 -27.05
C TYR D 204 20.37 10.36 -26.99
N GLU D 205 20.33 9.47 -26.00
CA GLU D 205 19.17 8.59 -25.87
C GLU D 205 17.90 9.38 -25.69
N LEU D 206 18.01 10.43 -24.88
CA LEU D 206 16.85 11.25 -24.55
C LEU D 206 16.37 12.02 -25.77
N MET D 207 17.29 12.66 -26.48
CA MET D 207 16.90 13.57 -27.54
C MET D 207 16.58 12.87 -28.87
N THR D 208 16.96 11.61 -29.03
CA THR D 208 16.63 10.87 -30.26
C THR D 208 15.69 9.69 -30.04
N GLY D 209 15.49 9.31 -28.77
CA GLY D 209 14.66 8.18 -28.42
C GLY D 209 15.22 6.83 -28.85
N GLN D 210 16.48 6.84 -29.28
CA GLN D 210 17.15 5.63 -29.72
C GLN D 210 18.55 5.49 -29.12
N LEU D 211 19.02 4.26 -29.00
CA LEU D 211 20.42 3.99 -28.66
C LEU D 211 21.30 4.36 -29.85
N PRO D 212 22.55 4.80 -29.59
CA PRO D 212 23.38 5.20 -30.72
C PRO D 212 23.75 4.00 -31.57
N TYR D 213 24.05 4.23 -32.84
CA TYR D 213 24.47 3.17 -33.75
C TYR D 213 23.39 2.14 -34.03
N SER D 214 22.13 2.55 -33.98
CA SER D 214 21.02 1.64 -34.29
C SER D 214 21.02 1.23 -35.77
N SER D 232 31.38 7.49 -33.91
CA SER D 232 30.65 8.46 -33.10
C SER D 232 29.17 8.54 -33.51
N PRO D 233 28.30 9.04 -32.62
CA PRO D 233 26.83 9.03 -32.75
C PRO D 233 26.25 9.94 -33.86
N ASP D 234 25.18 9.47 -34.51
CA ASP D 234 24.49 10.26 -35.55
C ASP D 234 23.66 11.35 -34.91
N LEU D 235 24.23 12.55 -34.77
CA LEU D 235 23.56 13.61 -34.05
C LEU D 235 22.34 14.17 -34.81
N SER D 236 22.02 13.57 -35.96
CA SER D 236 20.94 14.06 -36.81
C SER D 236 19.60 13.40 -36.55
N LYS D 237 19.57 12.39 -35.69
CA LYS D 237 18.32 11.69 -35.40
C LYS D 237 17.62 12.38 -34.23
N VAL D 238 18.21 13.49 -33.78
CA VAL D 238 17.65 14.26 -32.68
C VAL D 238 16.55 15.17 -33.21
N ARG D 239 15.49 15.32 -32.42
CA ARG D 239 14.36 16.15 -32.83
C ARG D 239 14.76 17.59 -33.17
N ASN D 241 12.42 19.50 -32.43
CA ASN D 241 12.16 20.53 -31.43
C ASN D 241 13.17 20.46 -30.30
N CYS D 242 14.21 19.67 -30.48
CA CYS D 242 15.28 19.60 -29.49
C CYS D 242 16.02 20.94 -29.48
N PRO D 243 15.93 21.67 -28.36
CA PRO D 243 16.51 23.01 -28.35
C PRO D 243 17.99 22.99 -28.74
N LYS D 244 18.42 24.05 -29.37
CA LYS D 244 19.78 24.16 -29.92
C LYS D 244 20.89 24.11 -28.88
N ARG D 245 20.62 24.63 -27.68
CA ARG D 245 21.60 24.60 -26.60
C ARG D 245 21.85 23.15 -26.17
N MET D 246 20.78 22.35 -26.19
CA MET D 246 20.87 20.92 -25.86
C MET D 246 21.65 20.12 -26.90
N LYS D 247 21.48 20.46 -28.17
CA LYS D 247 22.24 19.86 -29.26
C LYS D 247 23.71 20.25 -29.12
N ARG D 248 23.97 21.49 -28.76
CA ARG D 248 25.34 21.96 -28.56
C ARG D 248 26.04 21.24 -27.41
N LEU D 249 25.38 21.23 -26.23
CA LEU D 249 25.90 20.59 -25.01
C LEU D 249 26.22 19.11 -25.26
N MET D 250 25.31 18.47 -25.97
CA MET D 250 25.42 17.06 -26.27
C MET D 250 26.74 16.79 -26.96
N ALA D 251 27.09 17.64 -27.93
CA ALA D 251 28.34 17.51 -28.70
C ALA D 251 29.58 17.78 -27.85
N GLU D 252 29.47 18.74 -26.92
CA GLU D 252 30.56 19.04 -25.99
C GLU D 252 30.89 17.80 -25.17
N CYS D 253 29.85 17.16 -24.64
CA CYS D 253 30.01 16.00 -23.79
C CYS D 253 30.61 14.82 -24.55
N LEU D 254 30.34 14.74 -25.85
CA LEU D 254 30.82 13.61 -26.64
C LEU D 254 32.19 13.89 -27.28
N LYS D 255 32.83 15.00 -26.91
CA LYS D 255 34.13 15.33 -27.47
C LYS D 255 35.17 14.26 -27.14
N LYS D 256 35.90 13.83 -28.16
CA LYS D 256 36.82 12.71 -28.03
C LYS D 256 38.03 13.03 -27.13
N LYS D 257 38.51 14.27 -27.18
CA LYS D 257 39.64 14.66 -26.35
C LYS D 257 39.15 15.05 -24.97
N ARG D 258 39.48 14.23 -23.98
CA ARG D 258 38.86 14.28 -22.67
C ARG D 258 38.94 15.65 -22.02
N ASP D 259 40.06 16.33 -22.19
CA ASP D 259 40.19 17.64 -21.58
C ASP D 259 39.31 18.67 -22.29
N GLU D 260 38.69 18.24 -23.38
CA GLU D 260 37.79 19.09 -24.16
C GLU D 260 36.34 18.93 -23.72
N ARG D 261 36.10 18.02 -22.77
CA ARG D 261 34.76 17.83 -22.24
C ARG D 261 34.47 18.78 -21.09
N PRO D 262 33.21 19.22 -21.00
CA PRO D 262 32.72 20.08 -19.92
C PRO D 262 32.59 19.36 -18.60
N SER D 263 32.57 20.13 -17.52
CA SER D 263 32.40 19.56 -16.19
C SER D 263 30.91 19.58 -15.87
N PHE D 264 30.50 18.88 -14.82
CA PHE D 264 29.06 18.81 -14.55
C PHE D 264 28.51 20.11 -13.99
N PRO D 265 29.32 20.88 -13.25
CA PRO D 265 28.75 22.18 -12.88
C PRO D 265 28.43 23.04 -14.11
N ARG D 266 29.31 23.00 -15.10
CA ARG D 266 29.06 23.72 -16.35
C ARG D 266 27.86 23.09 -17.03
N ILE D 267 27.84 21.76 -17.05
CA ILE D 267 26.76 21.00 -17.65
C ILE D 267 25.40 21.27 -17.00
N LEU D 268 25.37 21.24 -15.67
CA LEU D 268 24.12 21.49 -14.97
C LEU D 268 23.61 22.91 -15.18
N ALA D 269 24.51 23.89 -15.08
CA ALA D 269 24.14 25.28 -15.29
C ALA D 269 23.49 25.45 -16.66
N GLU D 270 24.12 24.87 -17.67
CA GLU D 270 23.66 25.00 -19.04
C GLU D 270 22.24 24.49 -19.22
N ILE D 271 21.95 23.34 -18.62
CA ILE D 271 20.64 22.71 -18.73
C ILE D 271 19.58 23.43 -17.91
N GLU D 272 19.99 23.99 -16.78
CA GLU D 272 19.10 24.77 -15.92
C GLU D 272 18.52 25.96 -16.69
N GLU D 273 19.40 26.65 -17.40
CA GLU D 273 19.05 27.91 -18.04
C GLU D 273 18.26 27.67 -19.31
N LEU D 274 18.73 26.74 -20.13
CA LEU D 274 18.05 26.47 -21.38
C LEU D 274 16.66 25.92 -21.07
N ALA D 275 16.52 25.38 -19.87
CA ALA D 275 15.21 25.05 -19.33
C ALA D 275 14.54 26.34 -18.87
C1 BEN E . 18.02 4.03 7.75
C2 BEN E . 18.22 3.98 6.46
C3 BEN E . 18.41 5.29 5.68
C4 BEN E . 18.36 6.44 6.27
C5 BEN E . 18.11 6.50 7.77
C6 BEN E . 17.96 5.38 8.44
C BEN E . 17.83 2.73 8.56
N1 BEN E . 18.72 1.79 8.44
N2 BEN E . 16.82 2.60 9.31
H2 BEN E . 18.27 3.16 6.02
H3 BEN E . 18.57 5.25 4.76
H4 BEN E . 18.48 7.22 5.78
H5 BEN E . 18.09 7.32 8.21
H6 BEN E . 17.81 5.41 9.36
HN1 BEN E . 18.62 1.07 8.89
HN21 BEN E . 16.70 1.86 9.78
HN22 BEN E . 19.39 1.89 7.93
C10 6NC F . -19.69 2.64 3.48
C13 6NC F . -19.67 5.40 4.04
C17 6NC F . -16.15 5.43 4.64
C20 6NC F . -13.97 5.79 4.21
C22 6NC F . -15.89 5.11 3.32
C24 6NC F . -13.14 6.67 6.71
C28 6NC F . -13.56 7.81 8.95
C01 6NC F . -21.42 4.92 -2.06
C02 6NC F . -22.53 4.84 -1.00
C03 6NC F . -21.93 4.53 0.40
S04 6NC F . -22.92 5.07 1.82
N05 6NC F . -21.79 5.69 2.91
O06 6NC F . -23.99 6.03 1.61
O07 6NC F . -23.62 3.96 2.46
C08 6NC F . -20.72 4.82 3.33
C09 6NC F . -20.73 3.45 3.05
C11 6NC F . -18.63 3.23 4.19
C12 6NC F . -18.63 4.60 4.48
F14 6NC F . -19.67 6.71 4.30
F15 6NC F . -17.65 2.43 4.58
C16 6NC F . -17.51 5.31 5.27
O18 6NC F . -17.78 5.77 6.33
C19 6NC F . -14.89 5.87 5.23
N21 6NC F . -14.59 5.33 3.08
C23 6NC F . -14.47 6.32 6.54
C25 6NC F . -12.23 6.56 5.62
N26 6NC F . -12.65 6.13 4.42
C27 6NC F . -12.65 7.16 8.09
C29 6NC F . -13.14 8.25 10.18
C30 6NC F . -11.85 8.08 10.56
C31 6NC F . -10.94 7.43 9.69
C32 6NC F . -11.36 6.98 8.47
C33 6NC F . -11.39 8.58 11.95
N34 6NC F . -11.02 7.41 12.77
C35 6NC F . -9.63 6.98 12.73
C36 6NC F . -9.18 5.77 13.51
O37 6NC F . -7.77 5.80 13.46
C38 6NC F . -7.19 6.25 14.70
C39 6NC F . -6.80 4.94 15.47
N40 6NC F . -6.18 5.02 16.79
C41 6NC F . -5.82 3.76 17.44
C42 6NC F . 12.03 2.18 19.03
C43 6NC F . 10.84 2.54 19.92
C44 6NC F . 10.49 4.03 19.86
S45 6NC F . 9.44 4.53 21.26
N46 6NC F . 7.81 4.22 21.03
O47 6NC F . 9.61 6.00 21.45
O48 6NC F . 9.86 3.96 22.54
C49 6NC F . 7.15 4.81 19.90
C50 6NC F . 7.78 5.71 19.07
C51 6NC F . 7.07 6.24 17.98
C52 6NC F . 5.75 5.84 17.76
C53 6NC F . 5.15 4.94 18.60
C54 6NC F . 5.86 4.40 19.68
F55 6NC F . 5.29 3.53 20.53
F56 6NC F . 5.05 6.35 16.69
C57 6NC F . 3.70 4.49 18.38
C58 6NC F . 3.45 3.52 17.18
O59 6NC F . 2.81 4.84 19.09
C60 6NC F . 2.18 3.12 16.66
C61 6NC F . 2.46 2.29 15.63
N62 6NC F . 3.82 2.16 15.48
C63 6NC F . 4.42 2.88 16.39
C64 6NC F . 0.84 3.45 17.02
C65 6NC F . -0.16 2.85 16.24
C66 6NC F . 0.18 2.00 15.21
N67 6NC F . 1.44 1.73 14.93
C68 6NC F . -1.63 3.10 16.52
C69 6NC F . -2.05 3.17 17.85
C70 6NC F . -3.38 3.39 18.13
C71 6NC F . -4.31 3.52 17.08
C72 6NC F . -3.88 3.45 15.75
C73 6NC F . -2.54 3.22 15.46
O74 6NC F . -8.85 7.59 12.07
O75 6NC F . -7.01 3.88 15.00
H101 6NC F . -19.68 1.73 3.30
H221 6NC F . -16.51 4.80 2.70
H281 6NC F . -14.45 7.93 8.69
H012 6NC F . -21.81 5.15 -2.92
H011 6NC F . -20.97 4.06 -2.14
H013 6NC F . -20.77 5.60 -1.82
H021 6NC F . -23.16 4.13 -1.24
H022 6NC F . -23.00 5.68 -0.96
H032 6NC F . -21.06 4.97 0.46
H031 6NC F . -21.79 3.57 0.47
H051 6NC F . -21.85 6.50 3.20
H091 6NC F . -21.44 3.08 2.57
H231 6NC F . -15.08 6.40 7.24
H251 6NC F . -11.34 6.78 5.74
H291 6NC F . -13.75 8.68 10.75
H311 6NC F . -10.05 7.30 9.95
H321 6NC F . -10.76 6.55 7.88
H332 6NC F . -12.12 9.06 12.38
H331 6NC F . -10.63 9.17 11.85
H341 6NC F . -11.60 6.98 13.22
H361 6NC F . -9.48 5.82 14.43
H362 6NC F . -9.51 4.95 13.09
H382 6NC F . -7.84 6.76 15.21
H381 6NC F . -6.40 6.79 14.53
H401 6NC F . -6.01 5.77 17.15
H411 6NC F . -5.92 3.83 18.40
H412 6NC F . -6.36 3.04 17.10
H421 6NC F . 12.30 1.28 19.20
H423 6NC F . 12.77 2.78 19.23
H422 6NC F . 11.78 2.29 18.10
H431 6NC F . 11.05 2.29 20.83
H432 6NC F . 10.06 2.02 19.63
H442 6NC F . 10.03 4.22 19.03
H441 6NC F . 11.31 4.55 19.89
H461 6NC F . 7.37 3.72 21.58
H501 6NC F . 8.67 5.97 19.23
H511 6NC F . 7.48 6.85 17.41
H631 6NC F . 5.34 2.94 16.50
H641 6NC F . 0.64 4.02 17.73
H661 6NC F . -0.50 1.61 14.71
H691 6NC F . -1.44 3.08 18.54
H701 6NC F . -3.67 3.44 19.01
H721 6NC F . -4.49 3.53 15.05
H731 6NC F . -2.24 3.17 14.58
C1 BEN G . -17.05 -2.04 -10.09
C2 BEN G . -17.30 -1.22 -9.10
C3 BEN G . -17.40 0.28 -9.39
C4 BEN G . -17.22 0.74 -10.59
C5 BEN G . -16.94 -0.23 -11.74
C6 BEN G . -16.86 -1.52 -11.49
C BEN G . -16.95 -3.56 -9.85
N1 BEN G . -16.09 -4.25 -10.52
N2 BEN G . -17.73 -4.12 -9.03
H2 BEN G . -17.42 -1.55 -8.24
H3 BEN G . -17.57 0.87 -8.68
H4 BEN G . -17.28 1.65 -10.75
H5 BEN G . -16.81 0.10 -12.60
H6 BEN G . -16.68 -2.11 -12.19
HN1 BEN G . -16.03 -5.10 -10.39
HN21 BEN G . -18.32 -3.65 -8.58
HN22 BEN G . -15.56 -3.87 -11.07
C10 6NC H . 20.63 -1.84 -5.59
C13 6NC H . 20.90 -0.21 -7.86
C17 6NC H . 17.35 -0.38 -8.37
C20 6NC H . 15.21 0.25 -8.37
C22 6NC H . 17.10 0.35 -7.22
C24 6NC H . 14.41 -0.86 -10.77
C28 6NC H . 12.63 -2.00 -12.24
C01 6NC H . 22.96 3.27 -2.66
C02 6NC H . 23.84 2.29 -3.47
C03 6NC H . 23.16 1.94 -4.82
S04 6NC H . 24.17 0.88 -5.91
N05 6NC H . 23.07 0.55 -7.15
O06 6NC H . 25.35 1.54 -6.44
O07 6NC H . 24.68 -0.38 -5.41
C08 6NC H . 21.91 -0.26 -6.89
C09 6NC H . 21.78 -1.05 -5.75
C11 6NC H . 19.63 -1.80 -6.56
C12 6NC H . 19.76 -1.00 -7.69
F14 6NC H . 21.07 0.57 -8.93
F15 6NC H . 18.51 -2.53 -6.40
C16 6NC H . 18.66 -0.97 -8.74
O18 6NC H . 18.84 -1.40 -9.83
C19 6NC H . 16.12 -0.44 -9.13
N21 6NC H . 15.82 0.71 -7.25
C23 6NC H . 15.72 -1.03 -10.38
C25 6NC H . 13.51 -0.13 -9.96
N26 6NC H . 13.92 0.38 -8.81
C27 6NC H . 13.93 -1.44 -12.10
C29 6NC H . 12.27 -2.50 -13.47
C30 6NC H . 13.14 -2.45 -14.52
C31 6NC H . 14.42 -1.88 -14.36
C32 6NC H . 14.79 -1.38 -13.15
C33 6NC H . 12.78 -3.00 -15.90
N34 6NC H . 12.29 -4.38 -15.71
C35 6NC H . 10.86 -4.53 -15.44
C36 6NC H . 10.23 -5.89 -15.22
O37 6NC H . 8.84 -5.62 -15.15
C38 6NC H . 8.15 -5.89 -16.37
C39 6NC H . 7.68 -7.37 -16.21
N40 6NC H . 7.15 -8.11 -17.35
C41 6NC H . 6.70 -9.49 -17.12
C42 6NC H . -11.27 -11.24 -17.20
C43 6NC H . -10.08 -11.65 -18.05
C44 6NC H . -9.73 -10.54 -19.06
S45 6NC H . -8.67 -11.16 -20.41
N46 6NC H . -7.06 -11.26 -19.89
O47 6NC H . -9.06 -12.48 -20.92
O48 6NC H . -8.78 -10.28 -21.59
C49 6NC H . -6.36 -10.06 -19.56
C50 6NC H . -6.91 -8.79 -19.69
C51 6NC H . -6.14 -7.68 -19.31
C52 6NC H . -4.84 -7.88 -18.82
C53 6NC H . -4.30 -9.14 -18.72
C54 6NC H . -5.08 -10.26 -19.08
F55 6NC H . -4.59 -11.52 -18.98
F56 6NC H . -4.05 -6.80 -18.46
C57 6NC H . -2.87 -9.40 -18.21
C58 6NC H . -2.60 -9.34 -16.66
O59 6NC H . -2.01 -9.66 -18.98
C60 6NC H . -1.33 -9.31 -16.00
C61 6NC H . -1.61 -9.24 -14.67
N62 6NC H . -2.98 -9.22 -14.49
C63 6NC H . -3.56 -9.27 -15.65
C64 6NC H . 0.04 -9.34 -16.43
C65 6NC H . 1.06 -9.31 -15.45
C66 6NC H . 0.70 -9.24 -14.12
N67 6NC H . -0.59 -9.22 -13.75
C68 6NC H . 2.53 -9.35 -15.85
C69 6NC H . 3.51 -8.74 -15.06
C70 6NC H . 4.82 -8.78 -15.46
C71 6NC H . 5.20 -9.44 -16.66
C72 6NC H . 4.22 -10.04 -17.45
C73 6NC H . 2.90 -10.00 -17.03
O74 6NC H . 10.19 -3.56 -15.40
O75 6NC H . 7.76 -7.91 -15.17
H101 6NC H . 20.54 -2.37 -4.83
H221 6NC H . 17.72 0.53 -6.56
H281 6NC H . 12.04 -2.03 -11.52
H012 6NC H . 23.42 3.52 -1.84
H011 6NC H . 22.80 4.07 -3.19
H013 6NC H . 22.11 2.86 -2.45
H021 6NC H . 24.71 2.69 -3.63
H022 6NC H . 23.96 1.47 -2.95
H032 6NC H . 22.33 1.49 -4.65
H031 6NC H . 22.98 2.76 -5.29
H051 6NC H . 23.21 0.87 -7.94
H091 6NC H . 22.47 -1.08 -5.12
H231 6NC H . 16.33 -1.50 -10.91
H251 6NC H . 12.63 -0.02 -10.22
H291 6NC H . 11.42 -2.88 -13.58
H311 6NC H . 15.02 -1.86 -15.07
H321 6NC H . 15.63 -1.01 -13.02
H332 6NC H . 12.10 -2.46 -16.30
H331 6NC H . 13.57 -3.01 -16.46
H341 6NC H . 12.81 -5.06 -15.76
H361 6NC H . 10.55 -6.28 -14.39
H362 6NC H . 10.42 -6.48 -15.97
H382 6NC H . 7.39 -5.30 -16.47
H381 6NC H . 8.76 -5.81 -17.12
H401 6NC H . 7.07 -7.74 -18.12
H411 6NC H . 6.77 -10.01 -17.93
H412 6NC H . 7.24 -9.91 -16.42
H421 6NC H . -11.56 -11.99 -16.66
H423 6NC H . -11.99 -10.95 -17.78
H422 6NC H . -11.02 -10.50 -16.62
H431 6NC H . -10.28 -12.47 -18.53
H432 6NC H . -9.31 -11.80 -17.48
H442 6NC H . -9.27 -9.83 -18.60
H441 6NC H . -10.56 -10.20 -19.45
H461 6NC H . -6.68 -12.02 -19.82
H501 6NC H . -7.78 -8.69 -19.99
H511 6NC H . -6.48 -6.82 -19.38
H631 6NC H . -4.48 -9.26 -15.79
H641 6NC H . 0.24 -9.39 -17.34
H661 6NC H . 1.36 -9.22 -13.47
H691 6NC H . 3.27 -8.31 -14.27
H701 6NC H . 5.49 -8.38 -14.93
H721 6NC H . 4.46 -10.48 -18.23
H731 6NC H . 2.24 -10.40 -17.56
#